data_1HS1
# 
_entry.id   1HS1 
# 
_audit_conform.dict_name       mmcif_pdbx.dic 
_audit_conform.dict_version    5.392 
_audit_conform.dict_location   http://mmcif.pdb.org/dictionaries/ascii/mmcif_pdbx.dic 
# 
loop_
_database_2.database_id 
_database_2.database_code 
_database_2.pdbx_database_accession 
_database_2.pdbx_DOI 
PDB   1HS1         pdb_00001hs1 10.2210/pdb1hs1/pdb 
RCSB  RCSB012552   ?            ?                   
WWPDB D_1000012552 ?            ?                   
# 
loop_
_pdbx_audit_revision_history.ordinal 
_pdbx_audit_revision_history.data_content_type 
_pdbx_audit_revision_history.major_revision 
_pdbx_audit_revision_history.minor_revision 
_pdbx_audit_revision_history.revision_date 
1 'Structure model' 1 0 2003-09-02 
2 'Structure model' 1 1 2008-04-27 
3 'Structure model' 1 2 2011-07-13 
4 'Structure model' 1 3 2022-02-23 
5 'Structure model' 1 4 2024-05-22 
# 
_pdbx_audit_revision_details.ordinal             1 
_pdbx_audit_revision_details.revision_ordinal    1 
_pdbx_audit_revision_details.data_content_type   'Structure model' 
_pdbx_audit_revision_details.provider            repository 
_pdbx_audit_revision_details.type                'Initial release' 
_pdbx_audit_revision_details.description         ? 
_pdbx_audit_revision_details.details             ? 
# 
loop_
_pdbx_audit_revision_group.ordinal 
_pdbx_audit_revision_group.revision_ordinal 
_pdbx_audit_revision_group.data_content_type 
_pdbx_audit_revision_group.group 
1 2 'Structure model' 'Version format compliance' 
2 3 'Structure model' 'Version format compliance' 
3 4 'Structure model' 'Data collection'           
4 4 'Structure model' 'Database references'       
5 4 'Structure model' 'Derived calculations'      
6 5 'Structure model' 'Data collection'           
# 
loop_
_pdbx_audit_revision_category.ordinal 
_pdbx_audit_revision_category.revision_ordinal 
_pdbx_audit_revision_category.data_content_type 
_pdbx_audit_revision_category.category 
1 4 'Structure model' database_2            
2 4 'Structure model' pdbx_nmr_software     
3 4 'Structure model' pdbx_struct_assembly  
4 4 'Structure model' pdbx_struct_oper_list 
5 5 'Structure model' chem_comp_atom        
6 5 'Structure model' chem_comp_bond        
# 
loop_
_pdbx_audit_revision_item.ordinal 
_pdbx_audit_revision_item.revision_ordinal 
_pdbx_audit_revision_item.data_content_type 
_pdbx_audit_revision_item.item 
1 4 'Structure model' '_database_2.pdbx_DOI'                
2 4 'Structure model' '_database_2.pdbx_database_accession' 
3 4 'Structure model' '_pdbx_nmr_software.name'             
# 
_pdbx_database_status.status_code                     REL 
_pdbx_database_status.entry_id                        1HS1 
_pdbx_database_status.recvd_initial_deposition_date   2000-12-22 
_pdbx_database_status.deposit_site                    RCSB 
_pdbx_database_status.process_site                    RCSB 
_pdbx_database_status.SG_entry                        . 
_pdbx_database_status.pdb_format_compatible           Y 
_pdbx_database_status.status_code_mr                  ? 
_pdbx_database_status.status_code_sf                  ? 
_pdbx_database_status.status_code_cs                  ? 
_pdbx_database_status.status_code_nmr_data            ? 
_pdbx_database_status.methods_development_category    ? 
# 
loop_
_pdbx_database_related.db_name 
_pdbx_database_related.db_id 
_pdbx_database_related.details 
_pdbx_database_related.content_type 
PDB 1HS2 'RNA hairpin loop UUAAGU as part of hairpin r(GCGUUAAGUCGCA)' unspecified 
PDB 1HS3 'RNA hairpin loop UUAAUU as part of hairpin r(GCGUUAAUUCGCA)' unspecified 
PDB 1HS4 'RNA hairpin loop UUAAAU as part of hairpin r(GCGUUAAAUCGCA)' unspecified 
PDB 1HS8 'RNA hairpin loop UCAAUU as part of hairpin r(GCGUCAAUUCGCA)' unspecified 
# 
loop_
_audit_author.name 
_audit_author.pdbx_ordinal 
'Zhang, H.'   1 
'Culyba, M.'  2 
'Volkman, H.' 3 
'Krugh, T.R.' 4 
# 
_citation.id                        primary 
_citation.title                     
'Structural Characterization of Six-Nucleotide RNA Hairpin loops: r(UUAAUU), r(UUAAAU), r(UUAACU)' 
_citation.journal_abbrev            'To be Published' 
_citation.journal_volume            ? 
_citation.page_first                ? 
_citation.page_last                 ? 
_citation.year                      ? 
_citation.journal_id_ASTM           ? 
_citation.country                   ? 
_citation.journal_id_ISSN           ? 
_citation.journal_id_CSD            0353 
_citation.book_publisher            ? 
_citation.pdbx_database_id_PubMed   ? 
_citation.pdbx_database_id_DOI      ? 
# 
loop_
_citation_author.citation_id 
_citation_author.name 
_citation_author.ordinal 
_citation_author.identifier_ORCID 
primary 'Zhang, H.'   1 ? 
primary 'Culyba, M.'  2 ? 
primary 'Volkman, H.' 3 ? 
primary 'Krugh, T.R.' 4 ? 
# 
_entity.id                         1 
_entity.type                       polymer 
_entity.src_method                 syn 
_entity.pdbx_description           "5'-R(*GP*CP*GP*UP*UP*AP*AP*CP*UP*CP*GP*CP*A)-3'" 
_entity.formula_weight             4117.502 
_entity.pdbx_number_of_molecules   1 
_entity.pdbx_ec                    ? 
_entity.pdbx_mutation              ? 
_entity.pdbx_fragment              ? 
_entity.details                    ? 
# 
_entity_poly.entity_id                      1 
_entity_poly.type                           polyribonucleotide 
_entity_poly.nstd_linkage                   no 
_entity_poly.nstd_monomer                   no 
_entity_poly.pdbx_seq_one_letter_code       GCGUUAACUCGCA 
_entity_poly.pdbx_seq_one_letter_code_can   GCGUUAACUCGCA 
_entity_poly.pdbx_strand_id                 A 
_entity_poly.pdbx_target_identifier         ? 
# 
loop_
_entity_poly_seq.entity_id 
_entity_poly_seq.num 
_entity_poly_seq.mon_id 
_entity_poly_seq.hetero 
1 1  G n 
1 2  C n 
1 3  G n 
1 4  U n 
1 5  U n 
1 6  A n 
1 7  A n 
1 8  C n 
1 9  U n 
1 10 C n 
1 11 G n 
1 12 C n 
1 13 A n 
# 
loop_
_chem_comp.id 
_chem_comp.type 
_chem_comp.mon_nstd_flag 
_chem_comp.name 
_chem_comp.pdbx_synonyms 
_chem_comp.formula 
_chem_comp.formula_weight 
A 'RNA linking' y "ADENOSINE-5'-MONOPHOSPHATE" ? 'C10 H14 N5 O7 P' 347.221 
C 'RNA linking' y "CYTIDINE-5'-MONOPHOSPHATE"  ? 'C9 H14 N3 O8 P'  323.197 
G 'RNA linking' y "GUANOSINE-5'-MONOPHOSPHATE" ? 'C10 H14 N5 O8 P' 363.221 
U 'RNA linking' y "URIDINE-5'-MONOPHOSPHATE"   ? 'C9 H13 N2 O9 P'  324.181 
# 
loop_
_pdbx_poly_seq_scheme.asym_id 
_pdbx_poly_seq_scheme.entity_id 
_pdbx_poly_seq_scheme.seq_id 
_pdbx_poly_seq_scheme.mon_id 
_pdbx_poly_seq_scheme.ndb_seq_num 
_pdbx_poly_seq_scheme.pdb_seq_num 
_pdbx_poly_seq_scheme.auth_seq_num 
_pdbx_poly_seq_scheme.pdb_mon_id 
_pdbx_poly_seq_scheme.auth_mon_id 
_pdbx_poly_seq_scheme.pdb_strand_id 
_pdbx_poly_seq_scheme.pdb_ins_code 
_pdbx_poly_seq_scheme.hetero 
A 1 1  G 1  1  1  G G A . n 
A 1 2  C 2  2  2  C C A . n 
A 1 3  G 3  3  3  G G A . n 
A 1 4  U 4  4  4  U U A . n 
A 1 5  U 5  5  5  U U A . n 
A 1 6  A 6  6  6  A A A . n 
A 1 7  A 7  7  7  A A A . n 
A 1 8  C 8  8  8  C C A . n 
A 1 9  U 9  9  9  U U A . n 
A 1 10 C 10 10 10 C C A . n 
A 1 11 G 11 11 11 G G A . n 
A 1 12 C 12 12 12 C C A . n 
A 1 13 A 13 13 13 A A A . n 
# 
_exptl.entry_id          1HS1 
_exptl.method            'SOLUTION NMR' 
_exptl.crystals_number   ? 
# 
_exptl_crystal.id                    1 
_exptl_crystal.density_meas          ? 
_exptl_crystal.density_Matthews      ? 
_exptl_crystal.density_percent_sol   ? 
_exptl_crystal.description           ? 
# 
_diffrn.id                     1 
_diffrn.ambient_temp           ? 
_diffrn.ambient_temp_details   ? 
_diffrn.crystal_id             1 
# 
_diffrn_radiation.diffrn_id                        1 
_diffrn_radiation.wavelength_id                    1 
_diffrn_radiation.pdbx_monochromatic_or_laue_m_l   M 
_diffrn_radiation.monochromator                    ? 
_diffrn_radiation.pdbx_diffrn_protocol             'SINGLE WAVELENGTH' 
_diffrn_radiation.pdbx_scattering_type             ? 
# 
_diffrn_radiation_wavelength.id           1 
_diffrn_radiation_wavelength.wavelength   . 
_diffrn_radiation_wavelength.wt           1.0 
# 
_struct.entry_id                  1HS1 
_struct.title                     'SOLUTION STRUCTURE OF RNA HAIRPIN LOOP UUAACU AS PART OF HAIRPIN R(GCGUUAACUCGCA)' 
_struct.pdbx_model_details        ? 
_struct.pdbx_CASP_flag            ? 
_struct.pdbx_model_type_details   ? 
# 
_struct_keywords.entry_id        1HS1 
_struct_keywords.pdbx_keywords   RNA 
_struct_keywords.text            'ribonucleic acid, hairpin loop, RNA structure, RNA' 
# 
_struct_asym.id                            A 
_struct_asym.pdbx_blank_PDB_chainid_flag   N 
_struct_asym.pdbx_modified                 N 
_struct_asym.entity_id                     1 
_struct_asym.details                       ? 
# 
_struct_ref.id                         1 
_struct_ref.entity_id                  1 
_struct_ref.db_name                    PDB 
_struct_ref.db_code                    1HS1 
_struct_ref.pdbx_db_accession          1HS1 
_struct_ref.pdbx_db_isoform            ? 
_struct_ref.pdbx_seq_one_letter_code   ? 
_struct_ref.pdbx_align_begin           ? 
# 
_struct_ref_seq.align_id                      1 
_struct_ref_seq.ref_id                        1 
_struct_ref_seq.pdbx_PDB_id_code              1HS1 
_struct_ref_seq.pdbx_strand_id                A 
_struct_ref_seq.seq_align_beg                 1 
_struct_ref_seq.pdbx_seq_align_beg_ins_code   ? 
_struct_ref_seq.seq_align_end                 13 
_struct_ref_seq.pdbx_seq_align_end_ins_code   ? 
_struct_ref_seq.pdbx_db_accession             1HS1 
_struct_ref_seq.db_align_beg                  1 
_struct_ref_seq.pdbx_db_align_beg_ins_code    ? 
_struct_ref_seq.db_align_end                  13 
_struct_ref_seq.pdbx_db_align_end_ins_code    ? 
_struct_ref_seq.pdbx_auth_seq_align_beg       1 
_struct_ref_seq.pdbx_auth_seq_align_end       13 
# 
_pdbx_struct_assembly.id                   1 
_pdbx_struct_assembly.details              author_defined_assembly 
_pdbx_struct_assembly.method_details       ? 
_pdbx_struct_assembly.oligomeric_details   monomeric 
_pdbx_struct_assembly.oligomeric_count     1 
# 
_pdbx_struct_assembly_gen.assembly_id       1 
_pdbx_struct_assembly_gen.oper_expression   1 
_pdbx_struct_assembly_gen.asym_id_list      A 
# 
_pdbx_struct_oper_list.id                   1 
_pdbx_struct_oper_list.type                 'identity operation' 
_pdbx_struct_oper_list.name                 1_555 
_pdbx_struct_oper_list.symmetry_operation   x,y,z 
_pdbx_struct_oper_list.matrix[1][1]         1.0000000000 
_pdbx_struct_oper_list.matrix[1][2]         0.0000000000 
_pdbx_struct_oper_list.matrix[1][3]         0.0000000000 
_pdbx_struct_oper_list.vector[1]            0.0000000000 
_pdbx_struct_oper_list.matrix[2][1]         0.0000000000 
_pdbx_struct_oper_list.matrix[2][2]         1.0000000000 
_pdbx_struct_oper_list.matrix[2][3]         0.0000000000 
_pdbx_struct_oper_list.vector[2]            0.0000000000 
_pdbx_struct_oper_list.matrix[3][1]         0.0000000000 
_pdbx_struct_oper_list.matrix[3][2]         0.0000000000 
_pdbx_struct_oper_list.matrix[3][3]         1.0000000000 
_pdbx_struct_oper_list.vector[3]            0.0000000000 
# 
_struct_biol.id   1 
# 
loop_
_struct_conn.id 
_struct_conn.conn_type_id 
_struct_conn.pdbx_leaving_atom_flag 
_struct_conn.pdbx_PDB_id 
_struct_conn.ptnr1_label_asym_id 
_struct_conn.ptnr1_label_comp_id 
_struct_conn.ptnr1_label_seq_id 
_struct_conn.ptnr1_label_atom_id 
_struct_conn.pdbx_ptnr1_label_alt_id 
_struct_conn.pdbx_ptnr1_PDB_ins_code 
_struct_conn.pdbx_ptnr1_standard_comp_id 
_struct_conn.ptnr1_symmetry 
_struct_conn.ptnr2_label_asym_id 
_struct_conn.ptnr2_label_comp_id 
_struct_conn.ptnr2_label_seq_id 
_struct_conn.ptnr2_label_atom_id 
_struct_conn.pdbx_ptnr2_label_alt_id 
_struct_conn.pdbx_ptnr2_PDB_ins_code 
_struct_conn.ptnr1_auth_asym_id 
_struct_conn.ptnr1_auth_comp_id 
_struct_conn.ptnr1_auth_seq_id 
_struct_conn.ptnr2_auth_asym_id 
_struct_conn.ptnr2_auth_comp_id 
_struct_conn.ptnr2_auth_seq_id 
_struct_conn.ptnr2_symmetry 
_struct_conn.pdbx_ptnr3_label_atom_id 
_struct_conn.pdbx_ptnr3_label_seq_id 
_struct_conn.pdbx_ptnr3_label_comp_id 
_struct_conn.pdbx_ptnr3_label_asym_id 
_struct_conn.pdbx_ptnr3_label_alt_id 
_struct_conn.pdbx_ptnr3_PDB_ins_code 
_struct_conn.details 
_struct_conn.pdbx_dist_value 
_struct_conn.pdbx_value_order 
_struct_conn.pdbx_role 
hydrog1  hydrog ? ? A G 1 N1 ? ? ? 1_555 A C 12 N3 ? ? A G 1 A C 12 1_555 ? ? ? ? ? ? WATSON-CRICK ? ? ? 
hydrog2  hydrog ? ? A G 1 N2 ? ? ? 1_555 A C 12 O2 ? ? A G 1 A C 12 1_555 ? ? ? ? ? ? WATSON-CRICK ? ? ? 
hydrog3  hydrog ? ? A G 1 O6 ? ? ? 1_555 A C 12 N4 ? ? A G 1 A C 12 1_555 ? ? ? ? ? ? WATSON-CRICK ? ? ? 
hydrog4  hydrog ? ? A C 2 N3 ? ? ? 1_555 A G 11 N1 ? ? A C 2 A G 11 1_555 ? ? ? ? ? ? WATSON-CRICK ? ? ? 
hydrog5  hydrog ? ? A C 2 N4 ? ? ? 1_555 A G 11 O6 ? ? A C 2 A G 11 1_555 ? ? ? ? ? ? WATSON-CRICK ? ? ? 
hydrog6  hydrog ? ? A C 2 O2 ? ? ? 1_555 A G 11 N2 ? ? A C 2 A G 11 1_555 ? ? ? ? ? ? WATSON-CRICK ? ? ? 
hydrog7  hydrog ? ? A G 3 N1 ? ? ? 1_555 A C 10 N3 ? ? A G 3 A C 10 1_555 ? ? ? ? ? ? WATSON-CRICK ? ? ? 
hydrog8  hydrog ? ? A G 3 N2 ? ? ? 1_555 A C 10 O2 ? ? A G 3 A C 10 1_555 ? ? ? ? ? ? WATSON-CRICK ? ? ? 
hydrog9  hydrog ? ? A G 3 O6 ? ? ? 1_555 A C 10 N4 ? ? A G 3 A C 10 1_555 ? ? ? ? ? ? WATSON-CRICK ? ? ? 
hydrog10 hydrog ? ? A U 4 N3 ? ? ? 1_555 A U 9  O4 ? ? A U 4 A U 9  1_555 ? ? ? ? ? ? TYPE_16_PAIR ? ? ? 
hydrog11 hydrog ? ? A U 4 O2 ? ? ? 1_555 A U 9  N3 ? ? A U 4 A U 9  1_555 ? ? ? ? ? ? TYPE_16_PAIR ? ? ? 
# 
_struct_conn_type.id          hydrog 
_struct_conn_type.criteria    ? 
_struct_conn_type.reference   ? 
# 
loop_
_pdbx_validate_rmsd_bond.id 
_pdbx_validate_rmsd_bond.PDB_model_num 
_pdbx_validate_rmsd_bond.auth_atom_id_1 
_pdbx_validate_rmsd_bond.auth_asym_id_1 
_pdbx_validate_rmsd_bond.auth_comp_id_1 
_pdbx_validate_rmsd_bond.auth_seq_id_1 
_pdbx_validate_rmsd_bond.PDB_ins_code_1 
_pdbx_validate_rmsd_bond.label_alt_id_1 
_pdbx_validate_rmsd_bond.auth_atom_id_2 
_pdbx_validate_rmsd_bond.auth_asym_id_2 
_pdbx_validate_rmsd_bond.auth_comp_id_2 
_pdbx_validate_rmsd_bond.auth_seq_id_2 
_pdbx_validate_rmsd_bond.PDB_ins_code_2 
_pdbx_validate_rmsd_bond.label_alt_id_2 
_pdbx_validate_rmsd_bond.bond_value 
_pdbx_validate_rmsd_bond.bond_target_value 
_pdbx_validate_rmsd_bond.bond_deviation 
_pdbx_validate_rmsd_bond.bond_standard_deviation 
_pdbx_validate_rmsd_bond.linker_flag 
1 1 N1 A C 2  ? ? C6 A C 2  ? ? 1.477 1.367 0.110 0.006 N 
2 1 N1 A U 4  ? ? C6 A U 4  ? ? 1.477 1.375 0.102 0.009 N 
3 1 N1 A U 5  ? ? C6 A U 5  ? ? 1.476 1.375 0.101 0.009 N 
4 1 N1 A U 9  ? ? C6 A U 9  ? ? 1.473 1.375 0.098 0.009 N 
5 1 N1 A C 10 ? ? C6 A C 10 ? ? 1.479 1.367 0.112 0.006 N 
6 1 N1 A C 12 ? ? C6 A C 12 ? ? 1.476 1.367 0.109 0.006 N 
# 
loop_
_pdbx_validate_rmsd_angle.id 
_pdbx_validate_rmsd_angle.PDB_model_num 
_pdbx_validate_rmsd_angle.auth_atom_id_1 
_pdbx_validate_rmsd_angle.auth_asym_id_1 
_pdbx_validate_rmsd_angle.auth_comp_id_1 
_pdbx_validate_rmsd_angle.auth_seq_id_1 
_pdbx_validate_rmsd_angle.PDB_ins_code_1 
_pdbx_validate_rmsd_angle.label_alt_id_1 
_pdbx_validate_rmsd_angle.auth_atom_id_2 
_pdbx_validate_rmsd_angle.auth_asym_id_2 
_pdbx_validate_rmsd_angle.auth_comp_id_2 
_pdbx_validate_rmsd_angle.auth_seq_id_2 
_pdbx_validate_rmsd_angle.PDB_ins_code_2 
_pdbx_validate_rmsd_angle.label_alt_id_2 
_pdbx_validate_rmsd_angle.auth_atom_id_3 
_pdbx_validate_rmsd_angle.auth_asym_id_3 
_pdbx_validate_rmsd_angle.auth_comp_id_3 
_pdbx_validate_rmsd_angle.auth_seq_id_3 
_pdbx_validate_rmsd_angle.PDB_ins_code_3 
_pdbx_validate_rmsd_angle.label_alt_id_3 
_pdbx_validate_rmsd_angle.angle_value 
_pdbx_validate_rmsd_angle.angle_target_value 
_pdbx_validate_rmsd_angle.angle_deviation 
_pdbx_validate_rmsd_angle.angle_standard_deviation 
_pdbx_validate_rmsd_angle.linker_flag 
1  1 "O4'" A C 2  ? ? "C1'" A C 2  ? ? N1 A C 2  ? ? 113.26 108.50 4.76 0.70 N 
2  1 "O4'" A U 4  ? ? "C1'" A U 4  ? ? N1 A U 4  ? ? 113.73 108.50 5.23 0.70 N 
3  1 N1    A U 4  ? ? C2    A U 4  ? ? N3 A U 4  ? ? 119.45 114.90 4.55 0.60 N 
4  1 N1    A U 5  ? ? C2    A U 5  ? ? N3 A U 5  ? ? 119.31 114.90 4.41 0.60 N 
5  1 C8    A A 6  ? ? N9    A A 6  ? ? C4 A A 6  ? ? 109.02 105.80 3.22 0.40 N 
6  1 C8    A A 7  ? ? N9    A A 7  ? ? C4 A A 7  ? ? 108.78 105.80 2.98 0.40 N 
7  1 "O4'" A C 8  ? ? "C1'" A C 8  ? ? N1 A C 8  ? ? 114.09 108.50 5.59 0.70 N 
8  1 "O4'" A U 9  ? ? "C1'" A U 9  ? ? N1 A U 9  ? ? 113.70 108.50 5.20 0.70 N 
9  1 N1    A U 9  ? ? C2    A U 9  ? ? N3 A U 9  ? ? 119.01 114.90 4.11 0.60 N 
10 1 "O4'" A C 10 ? ? "C1'" A C 10 ? ? N1 A C 10 ? ? 113.08 108.50 4.58 0.70 N 
11 1 "O4'" A C 12 ? ? "C1'" A C 12 ? ? N1 A C 12 ? ? 113.30 108.50 4.80 0.70 N 
12 1 C8    A A 13 ? ? N9    A A 13 ? ? C4 A A 13 ? ? 108.66 105.80 2.86 0.40 N 
# 
_pdbx_validate_planes.id              1 
_pdbx_validate_planes.PDB_model_num   1 
_pdbx_validate_planes.auth_comp_id    U 
_pdbx_validate_planes.auth_asym_id    A 
_pdbx_validate_planes.auth_seq_id     9 
_pdbx_validate_planes.PDB_ins_code    ? 
_pdbx_validate_planes.label_alt_id    ? 
_pdbx_validate_planes.rmsd            0.094 
_pdbx_validate_planes.type            'SIDE CHAIN' 
# 
_pdbx_nmr_ensemble.entry_id                                      1HS1 
_pdbx_nmr_ensemble.conformers_calculated_total_number            30 
_pdbx_nmr_ensemble.conformers_submitted_total_number             1 
_pdbx_nmr_ensemble.conformer_selection_criteria                  'average structure of 30 conformers' 
_pdbx_nmr_ensemble.average_constraints_per_residue               ? 
_pdbx_nmr_ensemble.average_constraint_violations_per_residue     ? 
_pdbx_nmr_ensemble.maximum_distance_constraint_violation         ? 
_pdbx_nmr_ensemble.average_distance_constraint_violation         ? 
_pdbx_nmr_ensemble.maximum_upper_distance_constraint_violation   ? 
_pdbx_nmr_ensemble.maximum_lower_distance_constraint_violation   ? 
_pdbx_nmr_ensemble.distance_constraint_violation_method          ? 
_pdbx_nmr_ensemble.maximum_torsion_angle_constraint_violation    ? 
_pdbx_nmr_ensemble.average_torsion_angle_constraint_violation    ? 
_pdbx_nmr_ensemble.torsion_angle_constraint_violation_method     ? 
# 
_pdbx_nmr_sample_details.solution_id      1 
_pdbx_nmr_sample_details.contents         
;1 mM RNA oligomer - H2O; 
3 mM RNA oligomer - D2O
;
_pdbx_nmr_sample_details.solvent_system   ? 
# 
_pdbx_nmr_exptl_sample_conditions.conditions_id       1 
_pdbx_nmr_exptl_sample_conditions.temperature         303 
_pdbx_nmr_exptl_sample_conditions.pressure            '1.0 atm' 
_pdbx_nmr_exptl_sample_conditions.pH                  7.0 
_pdbx_nmr_exptl_sample_conditions.ionic_strength      '0.1 M NaCl, 0.01 M sodium phosphate' 
_pdbx_nmr_exptl_sample_conditions.pressure_units      ? 
_pdbx_nmr_exptl_sample_conditions.temperature_units   K 
# 
_pdbx_nmr_exptl.experiment_id   1 
_pdbx_nmr_exptl.solution_id     1 
_pdbx_nmr_exptl.conditions_id   1 
_pdbx_nmr_exptl.type            '2D NOESY' 
# 
_pdbx_nmr_refine.entry_id           1HS1 
_pdbx_nmr_refine.method             'restrained molecular dynamics & energy minimization' 
_pdbx_nmr_refine.details            ? 
_pdbx_nmr_refine.software_ordinal   1 
# 
loop_
_pdbx_nmr_software.name 
_pdbx_nmr_software.version 
_pdbx_nmr_software.classification 
_pdbx_nmr_software.authors 
_pdbx_nmr_software.ordinal 
Discover 'version 2.98' 'structure solution' MSI 1 
Discover 'version 2.98' refinement           MSI 2 
# 
loop_
_chem_comp_atom.comp_id 
_chem_comp_atom.atom_id 
_chem_comp_atom.type_symbol 
_chem_comp_atom.pdbx_aromatic_flag 
_chem_comp_atom.pdbx_stereo_config 
_chem_comp_atom.pdbx_ordinal 
A OP3    O N N 1   
A P      P N N 2   
A OP1    O N N 3   
A OP2    O N N 4   
A "O5'"  O N N 5   
A "C5'"  C N N 6   
A "C4'"  C N R 7   
A "O4'"  O N N 8   
A "C3'"  C N S 9   
A "O3'"  O N N 10  
A "C2'"  C N R 11  
A "O2'"  O N N 12  
A "C1'"  C N R 13  
A N9     N Y N 14  
A C8     C Y N 15  
A N7     N Y N 16  
A C5     C Y N 17  
A C6     C Y N 18  
A N6     N N N 19  
A N1     N Y N 20  
A C2     C Y N 21  
A N3     N Y N 22  
A C4     C Y N 23  
A HOP3   H N N 24  
A HOP2   H N N 25  
A "H5'"  H N N 26  
A "H5''" H N N 27  
A "H4'"  H N N 28  
A "H3'"  H N N 29  
A "HO3'" H N N 30  
A "H2'"  H N N 31  
A "HO2'" H N N 32  
A "H1'"  H N N 33  
A H8     H N N 34  
A H61    H N N 35  
A H62    H N N 36  
A H2     H N N 37  
C OP3    O N N 38  
C P      P N N 39  
C OP1    O N N 40  
C OP2    O N N 41  
C "O5'"  O N N 42  
C "C5'"  C N N 43  
C "C4'"  C N R 44  
C "O4'"  O N N 45  
C "C3'"  C N S 46  
C "O3'"  O N N 47  
C "C2'"  C N R 48  
C "O2'"  O N N 49  
C "C1'"  C N R 50  
C N1     N N N 51  
C C2     C N N 52  
C O2     O N N 53  
C N3     N N N 54  
C C4     C N N 55  
C N4     N N N 56  
C C5     C N N 57  
C C6     C N N 58  
C HOP3   H N N 59  
C HOP2   H N N 60  
C "H5'"  H N N 61  
C "H5''" H N N 62  
C "H4'"  H N N 63  
C "H3'"  H N N 64  
C "HO3'" H N N 65  
C "H2'"  H N N 66  
C "HO2'" H N N 67  
C "H1'"  H N N 68  
C H41    H N N 69  
C H42    H N N 70  
C H5     H N N 71  
C H6     H N N 72  
G OP3    O N N 73  
G P      P N N 74  
G OP1    O N N 75  
G OP2    O N N 76  
G "O5'"  O N N 77  
G "C5'"  C N N 78  
G "C4'"  C N R 79  
G "O4'"  O N N 80  
G "C3'"  C N S 81  
G "O3'"  O N N 82  
G "C2'"  C N R 83  
G "O2'"  O N N 84  
G "C1'"  C N R 85  
G N9     N Y N 86  
G C8     C Y N 87  
G N7     N Y N 88  
G C5     C Y N 89  
G C6     C N N 90  
G O6     O N N 91  
G N1     N N N 92  
G C2     C N N 93  
G N2     N N N 94  
G N3     N N N 95  
G C4     C Y N 96  
G HOP3   H N N 97  
G HOP2   H N N 98  
G "H5'"  H N N 99  
G "H5''" H N N 100 
G "H4'"  H N N 101 
G "H3'"  H N N 102 
G "HO3'" H N N 103 
G "H2'"  H N N 104 
G "HO2'" H N N 105 
G "H1'"  H N N 106 
G H8     H N N 107 
G H1     H N N 108 
G H21    H N N 109 
G H22    H N N 110 
U OP3    O N N 111 
U P      P N N 112 
U OP1    O N N 113 
U OP2    O N N 114 
U "O5'"  O N N 115 
U "C5'"  C N N 116 
U "C4'"  C N R 117 
U "O4'"  O N N 118 
U "C3'"  C N S 119 
U "O3'"  O N N 120 
U "C2'"  C N R 121 
U "O2'"  O N N 122 
U "C1'"  C N R 123 
U N1     N N N 124 
U C2     C N N 125 
U O2     O N N 126 
U N3     N N N 127 
U C4     C N N 128 
U O4     O N N 129 
U C5     C N N 130 
U C6     C N N 131 
U HOP3   H N N 132 
U HOP2   H N N 133 
U "H5'"  H N N 134 
U "H5''" H N N 135 
U "H4'"  H N N 136 
U "H3'"  H N N 137 
U "HO3'" H N N 138 
U "H2'"  H N N 139 
U "HO2'" H N N 140 
U "H1'"  H N N 141 
U H3     H N N 142 
U H5     H N N 143 
U H6     H N N 144 
# 
loop_
_chem_comp_bond.comp_id 
_chem_comp_bond.atom_id_1 
_chem_comp_bond.atom_id_2 
_chem_comp_bond.value_order 
_chem_comp_bond.pdbx_aromatic_flag 
_chem_comp_bond.pdbx_stereo_config 
_chem_comp_bond.pdbx_ordinal 
A OP3   P      sing N N 1   
A OP3   HOP3   sing N N 2   
A P     OP1    doub N N 3   
A P     OP2    sing N N 4   
A P     "O5'"  sing N N 5   
A OP2   HOP2   sing N N 6   
A "O5'" "C5'"  sing N N 7   
A "C5'" "C4'"  sing N N 8   
A "C5'" "H5'"  sing N N 9   
A "C5'" "H5''" sing N N 10  
A "C4'" "O4'"  sing N N 11  
A "C4'" "C3'"  sing N N 12  
A "C4'" "H4'"  sing N N 13  
A "O4'" "C1'"  sing N N 14  
A "C3'" "O3'"  sing N N 15  
A "C3'" "C2'"  sing N N 16  
A "C3'" "H3'"  sing N N 17  
A "O3'" "HO3'" sing N N 18  
A "C2'" "O2'"  sing N N 19  
A "C2'" "C1'"  sing N N 20  
A "C2'" "H2'"  sing N N 21  
A "O2'" "HO2'" sing N N 22  
A "C1'" N9     sing N N 23  
A "C1'" "H1'"  sing N N 24  
A N9    C8     sing Y N 25  
A N9    C4     sing Y N 26  
A C8    N7     doub Y N 27  
A C8    H8     sing N N 28  
A N7    C5     sing Y N 29  
A C5    C6     sing Y N 30  
A C5    C4     doub Y N 31  
A C6    N6     sing N N 32  
A C6    N1     doub Y N 33  
A N6    H61    sing N N 34  
A N6    H62    sing N N 35  
A N1    C2     sing Y N 36  
A C2    N3     doub Y N 37  
A C2    H2     sing N N 38  
A N3    C4     sing Y N 39  
C OP3   P      sing N N 40  
C OP3   HOP3   sing N N 41  
C P     OP1    doub N N 42  
C P     OP2    sing N N 43  
C P     "O5'"  sing N N 44  
C OP2   HOP2   sing N N 45  
C "O5'" "C5'"  sing N N 46  
C "C5'" "C4'"  sing N N 47  
C "C5'" "H5'"  sing N N 48  
C "C5'" "H5''" sing N N 49  
C "C4'" "O4'"  sing N N 50  
C "C4'" "C3'"  sing N N 51  
C "C4'" "H4'"  sing N N 52  
C "O4'" "C1'"  sing N N 53  
C "C3'" "O3'"  sing N N 54  
C "C3'" "C2'"  sing N N 55  
C "C3'" "H3'"  sing N N 56  
C "O3'" "HO3'" sing N N 57  
C "C2'" "O2'"  sing N N 58  
C "C2'" "C1'"  sing N N 59  
C "C2'" "H2'"  sing N N 60  
C "O2'" "HO2'" sing N N 61  
C "C1'" N1     sing N N 62  
C "C1'" "H1'"  sing N N 63  
C N1    C2     sing N N 64  
C N1    C6     sing N N 65  
C C2    O2     doub N N 66  
C C2    N3     sing N N 67  
C N3    C4     doub N N 68  
C C4    N4     sing N N 69  
C C4    C5     sing N N 70  
C N4    H41    sing N N 71  
C N4    H42    sing N N 72  
C C5    C6     doub N N 73  
C C5    H5     sing N N 74  
C C6    H6     sing N N 75  
G OP3   P      sing N N 76  
G OP3   HOP3   sing N N 77  
G P     OP1    doub N N 78  
G P     OP2    sing N N 79  
G P     "O5'"  sing N N 80  
G OP2   HOP2   sing N N 81  
G "O5'" "C5'"  sing N N 82  
G "C5'" "C4'"  sing N N 83  
G "C5'" "H5'"  sing N N 84  
G "C5'" "H5''" sing N N 85  
G "C4'" "O4'"  sing N N 86  
G "C4'" "C3'"  sing N N 87  
G "C4'" "H4'"  sing N N 88  
G "O4'" "C1'"  sing N N 89  
G "C3'" "O3'"  sing N N 90  
G "C3'" "C2'"  sing N N 91  
G "C3'" "H3'"  sing N N 92  
G "O3'" "HO3'" sing N N 93  
G "C2'" "O2'"  sing N N 94  
G "C2'" "C1'"  sing N N 95  
G "C2'" "H2'"  sing N N 96  
G "O2'" "HO2'" sing N N 97  
G "C1'" N9     sing N N 98  
G "C1'" "H1'"  sing N N 99  
G N9    C8     sing Y N 100 
G N9    C4     sing Y N 101 
G C8    N7     doub Y N 102 
G C8    H8     sing N N 103 
G N7    C5     sing Y N 104 
G C5    C6     sing N N 105 
G C5    C4     doub Y N 106 
G C6    O6     doub N N 107 
G C6    N1     sing N N 108 
G N1    C2     sing N N 109 
G N1    H1     sing N N 110 
G C2    N2     sing N N 111 
G C2    N3     doub N N 112 
G N2    H21    sing N N 113 
G N2    H22    sing N N 114 
G N3    C4     sing N N 115 
U OP3   P      sing N N 116 
U OP3   HOP3   sing N N 117 
U P     OP1    doub N N 118 
U P     OP2    sing N N 119 
U P     "O5'"  sing N N 120 
U OP2   HOP2   sing N N 121 
U "O5'" "C5'"  sing N N 122 
U "C5'" "C4'"  sing N N 123 
U "C5'" "H5'"  sing N N 124 
U "C5'" "H5''" sing N N 125 
U "C4'" "O4'"  sing N N 126 
U "C4'" "C3'"  sing N N 127 
U "C4'" "H4'"  sing N N 128 
U "O4'" "C1'"  sing N N 129 
U "C3'" "O3'"  sing N N 130 
U "C3'" "C2'"  sing N N 131 
U "C3'" "H3'"  sing N N 132 
U "O3'" "HO3'" sing N N 133 
U "C2'" "O2'"  sing N N 134 
U "C2'" "C1'"  sing N N 135 
U "C2'" "H2'"  sing N N 136 
U "O2'" "HO2'" sing N N 137 
U "C1'" N1     sing N N 138 
U "C1'" "H1'"  sing N N 139 
U N1    C2     sing N N 140 
U N1    C6     sing N N 141 
U C2    O2     doub N N 142 
U C2    N3     sing N N 143 
U N3    C4     sing N N 144 
U N3    H3     sing N N 145 
U C4    O4     doub N N 146 
U C4    C5     sing N N 147 
U C5    C6     doub N N 148 
U C5    H5     sing N N 149 
U C6    H6     sing N N 150 
# 
loop_
_ndb_struct_conf_na.entry_id 
_ndb_struct_conf_na.feature 
1HS1 'a-form double helix'  
1HS1 'hairpin loop'         
1HS1 'mismatched base pair' 
# 
loop_
_ndb_struct_na_base_pair.model_number 
_ndb_struct_na_base_pair.i_label_asym_id 
_ndb_struct_na_base_pair.i_label_comp_id 
_ndb_struct_na_base_pair.i_label_seq_id 
_ndb_struct_na_base_pair.i_symmetry 
_ndb_struct_na_base_pair.j_label_asym_id 
_ndb_struct_na_base_pair.j_label_comp_id 
_ndb_struct_na_base_pair.j_label_seq_id 
_ndb_struct_na_base_pair.j_symmetry 
_ndb_struct_na_base_pair.shear 
_ndb_struct_na_base_pair.stretch 
_ndb_struct_na_base_pair.stagger 
_ndb_struct_na_base_pair.buckle 
_ndb_struct_na_base_pair.propeller 
_ndb_struct_na_base_pair.opening 
_ndb_struct_na_base_pair.pair_number 
_ndb_struct_na_base_pair.pair_name 
_ndb_struct_na_base_pair.i_auth_asym_id 
_ndb_struct_na_base_pair.i_auth_seq_id 
_ndb_struct_na_base_pair.i_PDB_ins_code 
_ndb_struct_na_base_pair.j_auth_asym_id 
_ndb_struct_na_base_pair.j_auth_seq_id 
_ndb_struct_na_base_pair.j_PDB_ins_code 
_ndb_struct_na_base_pair.hbond_type_28 
_ndb_struct_na_base_pair.hbond_type_12 
1 A G 1 1_555 A C 12 1_555 -0.348 -0.166 -0.054 -5.999 -16.574 0.829  1 A_G1:C12_A A 1 ? A 12 ? 19 1 
1 A C 2 1_555 A G 11 1_555 -0.253 -0.100 -0.019 2.875  -16.572 -0.952 2 A_C2:G11_A A 2 ? A 11 ? 19 1 
1 A G 3 1_555 A C 10 1_555 0.117  -0.098 -0.222 -9.295 -23.004 1.480  3 A_G3:C10_A A 3 ? A 10 ? 19 1 
1 A U 4 1_555 A U 9  1_555 1.774  -1.764 0.598  -3.034 -20.919 12.405 4 A_U4:U9_A  A 4 ? A 9  ? 16 1 
# 
loop_
_ndb_struct_na_base_pair_step.model_number 
_ndb_struct_na_base_pair_step.i_label_asym_id_1 
_ndb_struct_na_base_pair_step.i_label_comp_id_1 
_ndb_struct_na_base_pair_step.i_label_seq_id_1 
_ndb_struct_na_base_pair_step.i_symmetry_1 
_ndb_struct_na_base_pair_step.j_label_asym_id_1 
_ndb_struct_na_base_pair_step.j_label_comp_id_1 
_ndb_struct_na_base_pair_step.j_label_seq_id_1 
_ndb_struct_na_base_pair_step.j_symmetry_1 
_ndb_struct_na_base_pair_step.i_label_asym_id_2 
_ndb_struct_na_base_pair_step.i_label_comp_id_2 
_ndb_struct_na_base_pair_step.i_label_seq_id_2 
_ndb_struct_na_base_pair_step.i_symmetry_2 
_ndb_struct_na_base_pair_step.j_label_asym_id_2 
_ndb_struct_na_base_pair_step.j_label_comp_id_2 
_ndb_struct_na_base_pair_step.j_label_seq_id_2 
_ndb_struct_na_base_pair_step.j_symmetry_2 
_ndb_struct_na_base_pair_step.shift 
_ndb_struct_na_base_pair_step.slide 
_ndb_struct_na_base_pair_step.rise 
_ndb_struct_na_base_pair_step.tilt 
_ndb_struct_na_base_pair_step.roll 
_ndb_struct_na_base_pair_step.twist 
_ndb_struct_na_base_pair_step.x_displacement 
_ndb_struct_na_base_pair_step.y_displacement 
_ndb_struct_na_base_pair_step.helical_rise 
_ndb_struct_na_base_pair_step.inclination 
_ndb_struct_na_base_pair_step.tip 
_ndb_struct_na_base_pair_step.helical_twist 
_ndb_struct_na_base_pair_step.step_number 
_ndb_struct_na_base_pair_step.step_name 
_ndb_struct_na_base_pair_step.i_auth_asym_id_1 
_ndb_struct_na_base_pair_step.i_auth_seq_id_1 
_ndb_struct_na_base_pair_step.i_PDB_ins_code_1 
_ndb_struct_na_base_pair_step.j_auth_asym_id_1 
_ndb_struct_na_base_pair_step.j_auth_seq_id_1 
_ndb_struct_na_base_pair_step.j_PDB_ins_code_1 
_ndb_struct_na_base_pair_step.i_auth_asym_id_2 
_ndb_struct_na_base_pair_step.i_auth_seq_id_2 
_ndb_struct_na_base_pair_step.i_PDB_ins_code_2 
_ndb_struct_na_base_pair_step.j_auth_asym_id_2 
_ndb_struct_na_base_pair_step.j_auth_seq_id_2 
_ndb_struct_na_base_pair_step.j_PDB_ins_code_2 
1 A G 1 1_555 A C 12 1_555 A C 2 1_555 A G 11 1_555 -0.132 -2.043 2.811 0.108  1.057  29.637 -4.181 0.277  2.738 2.066  -0.212 
29.656 1 AA_G1C2:G11C12_AA A 1 ? A 12 ? A 2 ? A 11 ? 
1 A C 2 1_555 A G 11 1_555 A G 3 1_555 A C 10 1_555 0.181  -1.782 3.294 1.468  19.570 30.377 -5.268 -0.114 1.853 33.337 -2.501 
36.039 2 AA_C2G3:C10G11_AA A 2 ? A 11 ? A 3 ? A 10 ? 
1 A G 3 1_555 A C 10 1_555 A U 4 1_555 A U 9  1_555 0.553  -1.386 2.943 -4.177 4.334  36.318 -2.707 -1.369 2.688 6.894  6.645  
36.797 3 AA_G3U4:U9C10_AA  A 3 ? A 10 ? A 4 ? A 9  ? 
# 
_pdbx_nmr_spectrometer.spectrometer_id   1 
_pdbx_nmr_spectrometer.type              ? 
_pdbx_nmr_spectrometer.manufacturer      Varian 
_pdbx_nmr_spectrometer.model             INOVA 
_pdbx_nmr_spectrometer.field_strength    500 
# 
_atom_sites.entry_id                    1HS1 
_atom_sites.fract_transf_matrix[1][1]   1.000000 
_atom_sites.fract_transf_matrix[1][2]   0.000000 
_atom_sites.fract_transf_matrix[1][3]   0.000000 
_atom_sites.fract_transf_matrix[2][1]   0.000000 
_atom_sites.fract_transf_matrix[2][2]   1.000000 
_atom_sites.fract_transf_matrix[2][3]   0.000000 
_atom_sites.fract_transf_matrix[3][1]   0.000000 
_atom_sites.fract_transf_matrix[3][2]   0.000000 
_atom_sites.fract_transf_matrix[3][3]   1.000000 
_atom_sites.fract_transf_vector[1]      0.00000 
_atom_sites.fract_transf_vector[2]      0.00000 
_atom_sites.fract_transf_vector[3]      0.00000 
# 
loop_
_atom_type.symbol 
C 
H 
N 
O 
P 
# 
loop_
_atom_site.group_PDB 
_atom_site.id 
_atom_site.type_symbol 
_atom_site.label_atom_id 
_atom_site.label_alt_id 
_atom_site.label_comp_id 
_atom_site.label_asym_id 
_atom_site.label_entity_id 
_atom_site.label_seq_id 
_atom_site.pdbx_PDB_ins_code 
_atom_site.Cartn_x 
_atom_site.Cartn_y 
_atom_site.Cartn_z 
_atom_site.occupancy 
_atom_site.B_iso_or_equiv 
_atom_site.pdbx_formal_charge 
_atom_site.auth_seq_id 
_atom_site.auth_comp_id 
_atom_site.auth_asym_id 
_atom_site.auth_atom_id 
_atom_site.pdbx_PDB_model_num 
ATOM 1   O "O5'"  . G A 1 1  ? 6.480   10.492 7.471   1.00 0.00 ? 1  G A "O5'"  1 
ATOM 2   C "C5'"  . G A 1 1  ? 5.803   9.254  7.482   1.00 0.00 ? 1  G A "C5'"  1 
ATOM 3   C "C4'"  . G A 1 1  ? 6.742   8.106  7.898   1.00 0.00 ? 1  G A "C4'"  1 
ATOM 4   O "O4'"  . G A 1 1  ? 6.116   7.233  8.840   1.00 0.00 ? 1  G A "O4'"  1 
ATOM 5   C "C3'"  . G A 1 1  ? 7.106   7.249  6.691   1.00 0.00 ? 1  G A "C3'"  1 
ATOM 6   O "O3'"  . G A 1 1  ? 8.274   7.801  6.063   1.00 0.00 ? 1  G A "O3'"  1 
ATOM 7   C "C2'"  . G A 1 1  ? 7.223   5.841  7.271   1.00 0.00 ? 1  G A "C2'"  1 
ATOM 8   O "O2'"  . G A 1 1  ? 8.502   5.596  7.851   1.00 0.00 ? 1  G A "O2'"  1 
ATOM 9   C "C1'"  . G A 1 1  ? 6.167   5.885  8.378   1.00 0.00 ? 1  G A "C1'"  1 
ATOM 10  N N9     . G A 1 1  ? 4.874   5.442  7.880   1.00 0.00 ? 1  G A N9     1 
ATOM 11  C C8     . G A 1 1  ? 3.775   6.183  7.530   1.00 0.00 ? 1  G A C8     1 
ATOM 12  N N7     . G A 1 1  ? 2.793   5.421  7.122   1.00 0.00 ? 1  G A N7     1 
ATOM 13  C C5     . G A 1 1  ? 3.304   4.120  7.204   1.00 0.00 ? 1  G A C5     1 
ATOM 14  C C6     . G A 1 1  ? 2.691   2.858  6.906   1.00 0.00 ? 1  G A C6     1 
ATOM 15  O O6     . G A 1 1  ? 1.550   2.657  6.510   1.00 0.00 ? 1  G A O6     1 
ATOM 16  N N1     . G A 1 1  ? 3.566   1.776  7.111   1.00 0.00 ? 1  G A N1     1 
ATOM 17  C C2     . G A 1 1  ? 4.882   1.900  7.549   1.00 0.00 ? 1  G A C2     1 
ATOM 18  N N2     . G A 1 1  ? 5.617   0.797  7.708   1.00 0.00 ? 1  G A N2     1 
ATOM 19  N N3     . G A 1 1  ? 5.449   3.083  7.830   1.00 0.00 ? 1  G A N3     1 
ATOM 20  C C4     . G A 1 1  ? 4.604   4.136  7.645   1.00 0.00 ? 1  G A C4     1 
ATOM 21  H "H5'"  . G A 1 1  ? 5.443   9.091  6.466   1.00 0.00 ? 1  G A "H5'"  1 
ATOM 22  H "H5''" . G A 1 1  ? 4.938   9.289  8.144   1.00 0.00 ? 1  G A "H5''" 1 
ATOM 23  H "H4'"  . G A 1 1  ? 7.657   8.482  8.382   1.00 0.00 ? 1  G A "H4'"  1 
ATOM 24  H "H3'"  . G A 1 1  ? 6.241   7.253  6.011   1.00 0.00 ? 1  G A "H3'"  1 
ATOM 25  H "H2'"  . G A 1 1  ? 6.986   5.079  6.516   1.00 0.00 ? 1  G A "H2'"  1 
ATOM 26  H "HO2'" . G A 1 1  ? 9.233   5.714  7.133   1.00 0.00 ? 1  G A "HO2'" 1 
ATOM 27  H "H1'"  . G A 1 1  ? 6.474   5.236  9.213   1.00 0.00 ? 1  G A "H1'"  1 
ATOM 28  H H8     . G A 1 1  ? 3.706   7.258  7.585   1.00 0.00 ? 1  G A H8     1 
ATOM 29  H H1     . G A 1 1  ? 3.211   0.858  6.903   1.00 0.00 ? 1  G A H1     1 
ATOM 30  H H21    . G A 1 1  ? 5.209   -0.109 7.553   1.00 0.00 ? 1  G A H21    1 
ATOM 31  H H22    . G A 1 1  ? 6.580   0.873  8.000   1.00 0.00 ? 1  G A H22    1 
ATOM 32  H "HO5'" . G A 1 1  ? 6.699   10.738 8.372   1.00 0.00 ? 1  G A "HO5'" 1 
ATOM 33  P P      . C A 1 2  ? 8.414   7.405  4.496   1.00 0.00 ? 2  C A P      1 
ATOM 34  O OP1    . C A 1 2  ? 9.727   7.902  4.027   1.00 0.00 ? 2  C A OP1    1 
ATOM 35  O OP2    . C A 1 2  ? 7.184   7.831  3.793   1.00 0.00 ? 2  C A OP2    1 
ATOM 36  O "O5'"  . C A 1 2  ? 8.458   5.799  4.498   1.00 0.00 ? 2  C A "O5'"  1 
ATOM 37  C "C5'"  . C A 1 2  ? 9.621   5.103  4.894   1.00 0.00 ? 2  C A "C5'"  1 
ATOM 38  C "C4'"  . C A 1 2  ? 9.379   3.605  4.840   1.00 0.00 ? 2  C A "C4'"  1 
ATOM 39  O "O4'"  . C A 1 2  ? 8.234   3.189  5.574   1.00 0.00 ? 2  C A "O4'"  1 
ATOM 40  C "C3'"  . C A 1 2  ? 9.153   3.114  3.432   1.00 0.00 ? 2  C A "C3'"  1 
ATOM 41  O "O3'"  . C A 1 2  ? 10.420  3.174  2.761   1.00 0.00 ? 2  C A "O3'"  1 
ATOM 42  C "C2'"  . C A 1 2  ? 8.555   1.730  3.715   1.00 0.00 ? 2  C A "C2'"  1 
ATOM 43  O "O2'"  . C A 1 2  ? 9.571   0.768  4.002   1.00 0.00 ? 2  C A "O2'"  1 
ATOM 44  C "C1'"  . C A 1 2  ? 7.713   2.001  4.977   1.00 0.00 ? 2  C A "C1'"  1 
ATOM 45  N N1     . C A 1 2  ? 6.301   2.106  4.620   1.00 0.00 ? 2  C A N1     1 
ATOM 46  C C2     . C A 1 2  ? 5.524   1.015  4.467   1.00 0.00 ? 2  C A C2     1 
ATOM 47  O O2     . C A 1 2  ? 5.998   -0.107 4.629   1.00 0.00 ? 2  C A O2     1 
ATOM 48  N N3     . C A 1 2  ? 4.207   1.151  4.132   1.00 0.00 ? 2  C A N3     1 
ATOM 49  C C4     . C A 1 2  ? 3.634   2.353  3.932   1.00 0.00 ? 2  C A C4     1 
ATOM 50  N N4     . C A 1 2  ? 2.338   2.401  3.610   1.00 0.00 ? 2  C A N4     1 
ATOM 51  C C5     . C A 1 2  ? 4.394   3.568  4.058   1.00 0.00 ? 2  C A C5     1 
ATOM 52  C C6     . C A 1 2  ? 5.705   3.438  4.388   1.00 0.00 ? 2  C A C6     1 
ATOM 53  H "H5'"  . C A 1 2  ? 9.932   5.369  5.901   1.00 0.00 ? 2  C A "H5'"  1 
ATOM 54  H "H5''" . C A 1 2  ? 10.435  5.338  4.207   1.00 0.00 ? 2  C A "H5''" 1 
ATOM 55  H "H4'"  . C A 1 2  ? 10.244  3.077  5.262   1.00 0.00 ? 2  C A "H4'"  1 
ATOM 56  H "H3'"  . C A 1 2  ? 8.395   3.753  2.950   1.00 0.00 ? 2  C A "H3'"  1 
ATOM 57  H "H2'"  . C A 1 2  ? 7.928   1.378  2.885   1.00 0.00 ? 2  C A "H2'"  1 
ATOM 58  H "HO2'" . C A 1 2  ? 10.194  0.672  3.186   1.00 0.00 ? 2  C A "HO2'" 1 
ATOM 59  H "H1'"  . C A 1 2  ? 7.854   1.187  5.705   1.00 0.00 ? 2  C A "H1'"  1 
ATOM 60  H H41    . C A 1 2  ? 1.822   1.541  3.513   1.00 0.00 ? 2  C A H41    1 
ATOM 61  H H42    . C A 1 2  ? 1.870   3.287  3.484   1.00 0.00 ? 2  C A H42    1 
ATOM 62  H H5     . C A 1 2  ? 3.971   4.551  3.905   1.00 0.00 ? 2  C A H5     1 
ATOM 63  H H6     . C A 1 2  ? 6.300   4.330  4.476   1.00 0.00 ? 2  C A H6     1 
ATOM 64  P P      . G A 1 3  ? 10.317  2.992  1.167   1.00 0.00 ? 3  G A P      1 
ATOM 65  O OP1    . G A 1 3  ? 11.688  3.009  0.612   1.00 0.00 ? 3  G A OP1    1 
ATOM 66  O OP2    . G A 1 3  ? 9.299   3.932  0.639   1.00 0.00 ? 3  G A OP2    1 
ATOM 67  O "O5'"  . G A 1 3  ? 9.757   1.501  1.039   1.00 0.00 ? 3  G A "O5'"  1 
ATOM 68  C "C5'"  . G A 1 3  ? 9.186   1.066  -0.163  1.00 0.00 ? 3  G A "C5'"  1 
ATOM 69  C "C4'"  . G A 1 3  ? 8.685   -0.356 -0.008  1.00 0.00 ? 3  G A "C4'"  1 
ATOM 70  O "O4'"  . G A 1 3  ? 7.874   -0.528 1.152   1.00 0.00 ? 3  G A "O4'"  1 
ATOM 71  C "C3'"  . G A 1 3  ? 7.820   -0.687 -1.207  1.00 0.00 ? 3  G A "C3'"  1 
ATOM 72  O "O3'"  . G A 1 3  ? 8.678   -1.131 -2.267  1.00 0.00 ? 3  G A "O3'"  1 
ATOM 73  C "C2'"  . G A 1 3  ? 6.865   -1.724 -0.629  1.00 0.00 ? 3  G A "C2'"  1 
ATOM 74  O "O2'"  . G A 1 3  ? 7.465   -3.018 -0.590  1.00 0.00 ? 3  G A "O2'"  1 
ATOM 75  C "C1'"  . G A 1 3  ? 6.664   -1.188 0.801   1.00 0.00 ? 3  G A "C1'"  1 
ATOM 76  N N9     . G A 1 3  ? 5.544   -0.261 0.848   1.00 0.00 ? 3  G A N9     1 
ATOM 77  C C8     . G A 1 3  ? 5.566   1.095  1.048   1.00 0.00 ? 3  G A C8     1 
ATOM 78  N N7     . G A 1 3  ? 4.365   1.605  1.016   1.00 0.00 ? 3  G A N7     1 
ATOM 79  C C5     . G A 1 3  ? 3.526   0.512  0.783   1.00 0.00 ? 3  G A C5     1 
ATOM 80  C C6     . G A 1 3  ? 2.099   0.446  0.664   1.00 0.00 ? 3  G A C6     1 
ATOM 81  O O6     . G A 1 3  ? 1.294   1.362  0.786   1.00 0.00 ? 3  G A O6     1 
ATOM 82  N N1     . G A 1 3  ? 1.644   -0.850 0.372   1.00 0.00 ? 3  G A N1     1 
ATOM 83  C C2     . G A 1 3  ? 2.467   -1.963 0.233   1.00 0.00 ? 3  G A C2     1 
ATOM 84  N N2     . G A 1 3  ? 1.898   -3.146 -0.027  1.00 0.00 ? 3  G A N2     1 
ATOM 85  N N3     . G A 1 3  ? 3.804   -1.901 0.365   1.00 0.00 ? 3  G A N3     1 
ATOM 86  C C4     . G A 1 3  ? 4.258   -0.644 0.645   1.00 0.00 ? 3  G A C4     1 
ATOM 87  H "H5'"  . G A 1 3  ? 9.928   1.082  -0.962  1.00 0.00 ? 3  G A "H5'"  1 
ATOM 88  H "H5''" . G A 1 3  ? 8.347   1.716  -0.426  1.00 0.00 ? 3  G A "H5''" 1 
ATOM 89  H "H4'"  . G A 1 3  ? 9.521   -1.065 0.074   1.00 0.00 ? 3  G A "H4'"  1 
ATOM 90  H "H3'"  . G A 1 3  ? 7.250   0.218  -1.475  1.00 0.00 ? 3  G A "H3'"  1 
ATOM 91  H "H2'"  . G A 1 3  ? 5.925   -1.758 -1.197  1.00 0.00 ? 3  G A "H2'"  1 
ATOM 92  H "HO2'" . G A 1 3  ? 7.943   -3.202 -1.484  1.00 0.00 ? 3  G A "HO2'" 1 
ATOM 93  H "H1'"  . G A 1 3  ? 6.493   -2.016 1.506   1.00 0.00 ? 3  G A "H1'"  1 
ATOM 94  H H8     . G A 1 3  ? 6.455   1.685  1.215   1.00 0.00 ? 3  G A H8     1 
ATOM 95  H H1     . G A 1 3  ? 0.649   -0.968 0.275   1.00 0.00 ? 3  G A H1     1 
ATOM 96  H H21    . G A 1 3  ? 0.895   -3.220 -0.093  1.00 0.00 ? 3  G A H21    1 
ATOM 97  H H22    . G A 1 3  ? 2.476   -3.967 -0.132  1.00 0.00 ? 3  G A H22    1 
ATOM 98  P P      . U A 1 4  ? 8.133   -0.750 -3.743  1.00 0.00 ? 4  U A P      1 
ATOM 99  O OP1    . U A 1 4  ? 8.909   -1.554 -4.714  1.00 0.00 ? 4  U A OP1    1 
ATOM 100 O OP2    . U A 1 4  ? 8.125   0.725  -3.866  1.00 0.00 ? 4  U A OP2    1 
ATOM 101 O "O5'"  . U A 1 4  ? 6.603   -1.258 -3.776  1.00 0.00 ? 4  U A "O5'"  1 
ATOM 102 C "C5'"  . U A 1 4  ? 6.291   -2.615 -4.005  1.00 0.00 ? 4  U A "C5'"  1 
ATOM 103 C "C4'"  . U A 1 4  ? 4.783   -2.825 -4.050  1.00 0.00 ? 4  U A "C4'"  1 
ATOM 104 O "O4'"  . U A 1 4  ? 4.123   -2.373 -2.870  1.00 0.00 ? 4  U A "O4'"  1 
ATOM 105 C "C3'"  . U A 1 4  ? 4.097   -2.104 -5.197  1.00 0.00 ? 4  U A "C3'"  1 
ATOM 106 O "O3'"  . U A 1 4  ? 4.415   -2.774 -6.426  1.00 0.00 ? 4  U A "O3'"  1 
ATOM 107 C "C2'"  . U A 1 4  ? 2.641   -2.178 -4.720  1.00 0.00 ? 4  U A "C2'"  1 
ATOM 108 O "O2'"  . U A 1 4  ? 2.066   -3.456 -4.985  1.00 0.00 ? 4  U A "O2'"  1 
ATOM 109 C "C1'"  . U A 1 4  ? 2.782   -1.991 -3.200  1.00 0.00 ? 4  U A "C1'"  1 
ATOM 110 N N1     . U A 1 4  ? 2.455   -0.614 -2.831  1.00 0.00 ? 4  U A N1     1 
ATOM 111 C C2     . U A 1 4  ? 1.183   -0.178 -2.716  1.00 0.00 ? 4  U A C2     1 
ATOM 112 O O2     . U A 1 4  ? 0.222   -0.923 -2.905  1.00 0.00 ? 4  U A O2     1 
ATOM 113 N N3     . U A 1 4  ? 0.942   1.155  -2.388  1.00 0.00 ? 4  U A N3     1 
ATOM 114 C C4     . U A 1 4  ? 1.917   2.129  -2.177  1.00 0.00 ? 4  U A C4     1 
ATOM 115 O O4     . U A 1 4  ? 1.588   3.279  -1.896  1.00 0.00 ? 4  U A O4     1 
ATOM 116 C C5     . U A 1 4  ? 3.286   1.652  -2.308  1.00 0.00 ? 4  U A C5     1 
ATOM 117 C C6     . U A 1 4  ? 3.549   0.355  -2.615  1.00 0.00 ? 4  U A C6     1 
ATOM 118 H "H5'"  . U A 1 4  ? 6.713   -3.252 -3.229  1.00 0.00 ? 4  U A "H5'"  1 
ATOM 119 H "H5''" . U A 1 4  ? 6.689   -2.916 -4.976  1.00 0.00 ? 4  U A "H5''" 1 
ATOM 120 H "H4'"  . U A 1 4  ? 4.578   -3.901 -4.140  1.00 0.00 ? 4  U A "H4'"  1 
ATOM 121 H "H3'"  . U A 1 4  ? 4.437   -1.056 -5.203  1.00 0.00 ? 4  U A "H3'"  1 
ATOM 122 H "H2'"  . U A 1 4  ? 2.030   -1.386 -5.170  1.00 0.00 ? 4  U A "H2'"  1 
ATOM 123 H "HO2'" . U A 1 4  ? 2.241   -3.716 -5.966  1.00 0.00 ? 4  U A "HO2'" 1 
ATOM 124 H "H1'"  . U A 1 4  ? 2.107   -2.687 -2.678  1.00 0.00 ? 4  U A "H1'"  1 
ATOM 125 H H3     . U A 1 4  ? -0.022  1.445  -2.312  1.00 0.00 ? 4  U A H3     1 
ATOM 126 H H5     . U A 1 4  ? 4.107   2.338  -2.155  1.00 0.00 ? 4  U A H5     1 
ATOM 127 H H6     . U A 1 4  ? 4.579   0.046  -2.696  1.00 0.00 ? 4  U A H6     1 
ATOM 128 P P      . U A 1 5  ? 3.983   -1.956 -7.759  1.00 0.00 ? 5  U A P      1 
ATOM 129 O OP1    . U A 1 5  ? 4.401   -2.767 -8.925  1.00 0.00 ? 5  U A OP1    1 
ATOM 130 O OP2    . U A 1 5  ? 4.462   -0.560 -7.642  1.00 0.00 ? 5  U A OP2    1 
ATOM 131 O "O5'"  . U A 1 5  ? 2.372   -1.941 -7.715  1.00 0.00 ? 5  U A "O5'"  1 
ATOM 132 C "C5'"  . U A 1 5  ? 1.614   -3.078 -8.087  1.00 0.00 ? 5  U A "C5'"  1 
ATOM 133 C "C4'"  . U A 1 5  ? 0.124   -2.758 -8.057  1.00 0.00 ? 5  U A "C4'"  1 
ATOM 134 O "O4'"  . U A 1 5  ? -0.338  -2.318 -6.788  1.00 0.00 ? 5  U A "O4'"  1 
ATOM 135 C "C3'"  . U A 1 5  ? -0.246  -1.654 -9.021  1.00 0.00 ? 5  U A "C3'"  1 
ATOM 136 O "O3'"  . U A 1 5  ? -0.188  -2.216 -10.338 1.00 0.00 ? 5  U A "O3'"  1 
ATOM 137 C "C2'"  . U A 1 5  ? -1.630  -1.256 -8.499  1.00 0.00 ? 5  U A "C2'"  1 
ATOM 138 O "O2'"  . U A 1 5  ? -2.647  -2.107 -9.023  1.00 0.00 ? 5  U A "O2'"  1 
ATOM 139 C "C1'"  . U A 1 5  ? -1.488  -1.486 -6.979  1.00 0.00 ? 5  U A "C1'"  1 
ATOM 140 N N1     . U A 1 5  ? -1.377  -0.209 -6.282  1.00 0.00 ? 5  U A N1     1 
ATOM 141 C C2     . U A 1 5  ? -2.444  0.484  -5.838  1.00 0.00 ? 5  U A C2     1 
ATOM 142 O O2     . U A 1 5  ? -3.593  0.078  -5.975  1.00 0.00 ? 5  U A O2     1 
ATOM 143 N N3     . U A 1 5  ? -2.245  1.694  -5.188  1.00 0.00 ? 5  U A N3     1 
ATOM 144 C C4     . U A 1 5  ? -1.010  2.284  -4.915  1.00 0.00 ? 5  U A C4     1 
ATOM 145 O O4     . U A 1 5  ? -0.943  3.332  -4.279  1.00 0.00 ? 5  U A O4     1 
ATOM 146 C C5     . U A 1 5  ? 0.129   1.555  -5.439  1.00 0.00 ? 5  U A C5     1 
ATOM 147 C C6     . U A 1 5  ? -0.035  0.375  -6.092  1.00 0.00 ? 5  U A C6     1 
ATOM 148 H "H5'"  . U A 1 5  ? 1.811   -3.927 -7.437  1.00 0.00 ? 5  U A "H5'"  1 
ATOM 149 H "H5''" . U A 1 5  ? 1.863   -3.358 -9.113  1.00 0.00 ? 5  U A "H5''" 1 
ATOM 150 H "H4'"  . U A 1 5  ? -0.450  -3.660 -8.315  1.00 0.00 ? 5  U A "H4'"  1 
ATOM 151 H "H3'"  . U A 1 5  ? 0.465   -0.822 -8.879  1.00 0.00 ? 5  U A "H3'"  1 
ATOM 152 H "H2'"  . U A 1 5  ? -1.861  -0.207 -8.731  1.00 0.00 ? 5  U A "H2'"  1 
ATOM 153 H "HO2'" . U A 1 5  ? -2.717  -1.972 -10.042 1.00 0.00 ? 5  U A "HO2'" 1 
ATOM 154 H "H1'"  . U A 1 5  ? -2.355  -2.053 -6.606  1.00 0.00 ? 5  U A "H1'"  1 
ATOM 155 H H3     . U A 1 5  ? -3.074  2.174  -4.865  1.00 0.00 ? 5  U A H3     1 
ATOM 156 H H5     . U A 1 5  ? 1.122   1.958  -5.303  1.00 0.00 ? 5  U A H5     1 
ATOM 157 H H6     . U A 1 5  ? 0.840   -0.125 -6.476  1.00 0.00 ? 5  U A H6     1 
ATOM 158 P P      . A A 1 6  ? 0.034   -1.132 -11.511 1.00 0.00 ? 6  A A P      1 
ATOM 159 O OP1    . A A 1 6  ? 0.104   -1.883 -12.783 1.00 0.00 ? 6  A A OP1    1 
ATOM 160 O OP2    . A A 1 6  ? 1.159   -0.243 -11.133 1.00 0.00 ? 6  A A OP2    1 
ATOM 161 O "O5'"  . A A 1 6  ? -1.303  -0.248 -11.558 1.00 0.00 ? 6  A A "O5'"  1 
ATOM 162 C "C5'"  . A A 1 6  ? -1.383  0.838  -12.461 1.00 0.00 ? 6  A A "C5'"  1 
ATOM 163 C "C4'"  . A A 1 6  ? -2.740  1.511  -12.399 1.00 0.00 ? 6  A A "C4'"  1 
ATOM 164 O "O4'"  . A A 1 6  ? -3.778  0.661  -12.846 1.00 0.00 ? 6  A A "O4'"  1 
ATOM 165 C "C3'"  . A A 1 6  ? -3.120  1.942  -11.001 1.00 0.00 ? 6  A A "C3'"  1 
ATOM 166 O "O3'"  . A A 1 6  ? -2.381  3.139  -10.720 1.00 0.00 ? 6  A A "O3'"  1 
ATOM 167 C "C2'"  . A A 1 6  ? -4.640  2.075  -11.122 1.00 0.00 ? 6  A A "C2'"  1 
ATOM 168 O "O2'"  . A A 1 6  ? -5.031  3.369  -11.581 1.00 0.00 ? 6  A A "O2'"  1 
ATOM 169 C "C1'"  . A A 1 6  ? -4.986  1.010  -12.177 1.00 0.00 ? 6  A A "C1'"  1 
ATOM 170 N N9     . A A 1 6  ? -5.568  -0.159 -11.550 1.00 0.00 ? 6  A A N9     1 
ATOM 171 C C8     . A A 1 6  ? -4.928  -1.299 -11.148 1.00 0.00 ? 6  A A C8     1 
ATOM 172 N N7     . A A 1 6  ? -5.767  -2.162 -10.641 1.00 0.00 ? 6  A A N7     1 
ATOM 173 C C5     . A A 1 6  ? -7.011  -1.519 -10.703 1.00 0.00 ? 6  A A C5     1 
ATOM 174 C C6     . A A 1 6  ? -8.332  -1.898 -10.350 1.00 0.00 ? 6  A A C6     1 
ATOM 175 N N6     . A A 1 6  ? -8.625  -3.117 -9.885  1.00 0.00 ? 6  A A N6     1 
ATOM 176 N N1     . A A 1 6  ? -9.335  -0.992 -10.485 1.00 0.00 ? 6  A A N1     1 
ATOM 177 C C2     . A A 1 6  ? -9.049  0.225  -10.970 1.00 0.00 ? 6  A A C2     1 
ATOM 178 N N3     . A A 1 6  ? -7.863  0.692  -11.369 1.00 0.00 ? 6  A A N3     1 
ATOM 179 C C4     . A A 1 6  ? -6.881  -0.248 -11.214 1.00 0.00 ? 6  A A C4     1 
ATOM 180 H "H5'"  . A A 1 6  ? -1.216  0.499  -13.483 1.00 0.00 ? 6  A A "H5'"  1 
ATOM 181 H "H5''" . A A 1 6  ? -0.632  1.584  -12.193 1.00 0.00 ? 6  A A "H5''" 1 
ATOM 182 H "H4'"  . A A 1 6  ? -2.744  2.389  -13.060 1.00 0.00 ? 6  A A "H4'"  1 
ATOM 183 H "H3'"  . A A 1 6  ? -2.881  1.122  -10.305 1.00 0.00 ? 6  A A "H3'"  1 
ATOM 184 H "H2'"  . A A 1 6  ? -5.136  1.851  -10.171 1.00 0.00 ? 6  A A "H2'"  1 
ATOM 185 H "HO2'" . A A 1 6  ? -5.414  3.294  -12.535 1.00 0.00 ? 6  A A "HO2'" 1 
ATOM 186 H "H1'"  . A A 1 6  ? -5.679  1.417  -12.928 1.00 0.00 ? 6  A A "H1'"  1 
ATOM 187 H H8     . A A 1 6  ? -3.866  -1.475 -11.248 1.00 0.00 ? 6  A A H8     1 
ATOM 188 H H61    . A A 1 6  ? -9.573  -3.339 -9.615  1.00 0.00 ? 6  A A H61    1 
ATOM 189 H H62    . A A 1 6  ? -7.884  -3.788 -9.743  1.00 0.00 ? 6  A A H62    1 
ATOM 190 H H2     . A A 1 6  ? -9.873  0.918  -11.061 1.00 0.00 ? 6  A A H2     1 
ATOM 191 P P      . A A 1 7  ? -2.057  3.351  -9.153  1.00 0.00 ? 7  A A P      1 
ATOM 192 O OP1    . A A 1 7  ? -1.495  4.713  -9.003  1.00 0.00 ? 7  A A OP1    1 
ATOM 193 O OP2    . A A 1 7  ? -1.281  2.188  -8.667  1.00 0.00 ? 7  A A OP2    1 
ATOM 194 O "O5'"  . A A 1 7  ? -3.509  3.327  -8.469  1.00 0.00 ? 7  A A "O5'"  1 
ATOM 195 C "C5'"  . A A 1 7  ? -4.270  4.512  -8.389  1.00 0.00 ? 7  A A "C5'"  1 
ATOM 196 C "C4'"  . A A 1 7  ? -5.669  4.232  -7.881  1.00 0.00 ? 7  A A "C4'"  1 
ATOM 197 O "O4'"  . A A 1 7  ? -6.350  3.251  -8.650  1.00 0.00 ? 7  A A "O4'"  1 
ATOM 198 C "C3'"  . A A 1 7  ? -5.674  3.732  -6.456  1.00 0.00 ? 7  A A "C3'"  1 
ATOM 199 O "O3'"  . A A 1 7  ? -5.434  4.867  -5.613  1.00 0.00 ? 7  A A "O3'"  1 
ATOM 200 C "C2'"  . A A 1 7  ? -7.075  3.107  -6.391  1.00 0.00 ? 7  A A "C2'"  1 
ATOM 201 O "O2'"  . A A 1 7  ? -8.078  4.094  -6.156  1.00 0.00 ? 7  A A "O2'"  1 
ATOM 202 C "C1'"  . A A 1 7  ? -7.250  2.538  -7.806  1.00 0.00 ? 7  A A "C1'"  1 
ATOM 203 N N9     . A A 1 7  ? -6.962  1.118  -7.800  1.00 0.00 ? 7  A A N9     1 
ATOM 204 C C8     . A A 1 7  ? -5.740  0.516  -7.923  1.00 0.00 ? 7  A A C8     1 
ATOM 205 N N7     . A A 1 7  ? -5.816  -0.772 -7.712  1.00 0.00 ? 7  A A N7     1 
ATOM 206 C C5     . A A 1 7  ? -7.166  -1.000 -7.423  1.00 0.00 ? 7  A A C5     1 
ATOM 207 C C6     . A A 1 7  ? -7.915  -2.162 -7.108  1.00 0.00 ? 7  A A C6     1 
ATOM 208 N N6     . A A 1 7  ? -7.361  -3.379 -7.050  1.00 0.00 ? 7  A A N6     1 
ATOM 209 N N1     . A A 1 7  ? -9.252  -2.041 -6.890  1.00 0.00 ? 7  A A N1     1 
ATOM 210 C C2     . A A 1 7  ? -9.819  -0.830 -6.982  1.00 0.00 ? 7  A A C2     1 
ATOM 211 N N3     . A A 1 7  ? -9.228  0.334  -7.270  1.00 0.00 ? 7  A A N3     1 
ATOM 212 C C4     . A A 1 7  ? -7.887  0.171  -7.486  1.00 0.00 ? 7  A A C4     1 
ATOM 213 H "H5'"  . A A 1 7  ? -4.353  5.001  -9.359  1.00 0.00 ? 7  A A "H5'"  1 
ATOM 214 H "H5''" . A A 1 7  ? -3.783  5.183  -7.679  1.00 0.00 ? 7  A A "H5''" 1 
ATOM 215 H "H4'"  . A A 1 7  ? -6.266  5.153  -7.933  1.00 0.00 ? 7  A A "H4'"  1 
ATOM 216 H "H3'"  . A A 1 7  ? -4.900  2.954  -6.350  1.00 0.00 ? 7  A A "H3'"  1 
ATOM 217 H "H2'"  . A A 1 7  ? -7.130  2.313  -5.631  1.00 0.00 ? 7  A A "H2'"  1 
ATOM 218 H "HO2'" . A A 1 7  ? -7.936  4.887  -6.798  1.00 0.00 ? 7  A A "HO2'" 1 
ATOM 219 H "H1'"  . A A 1 7  ? -8.274  2.715  -8.167  1.00 0.00 ? 7  A A "H1'"  1 
ATOM 220 H H8     . A A 1 7  ? -4.818  1.027  -8.153  1.00 0.00 ? 7  A A H8     1 
ATOM 221 H H61    . A A 1 7  ? -7.941  -4.187 -6.881  1.00 0.00 ? 7  A A H61    1 
ATOM 222 H H62    . A A 1 7  ? -6.377  -3.488 -7.248  1.00 0.00 ? 7  A A H62    1 
ATOM 223 H H2     . A A 1 7  ? -10.883 -0.777 -6.807  1.00 0.00 ? 7  A A H2     1 
ATOM 224 P P      . C A 1 8  ? -4.960  4.485  -4.119  1.00 0.00 ? 8  C A P      1 
ATOM 225 O OP1    . C A 1 8  ? -5.092  5.707  -3.297  1.00 0.00 ? 8  C A OP1    1 
ATOM 226 O OP2    . C A 1 8  ? -3.644  3.828  -4.209  1.00 0.00 ? 8  C A OP2    1 
ATOM 227 O "O5'"  . C A 1 8  ? -6.027  3.373  -3.632  1.00 0.00 ? 8  C A "O5'"  1 
ATOM 228 C "C5'"  . C A 1 8  ? -7.350  3.694  -3.250  1.00 0.00 ? 8  C A "C5'"  1 
ATOM 229 C "C4'"  . C A 1 8  ? -7.434  3.793  -1.723  1.00 0.00 ? 8  C A "C4'"  1 
ATOM 230 O "O4'"  . C A 1 8  ? -6.700  4.933  -1.290  1.00 0.00 ? 8  C A "O4'"  1 
ATOM 231 C "C3'"  . C A 1 8  ? -8.853  3.931  -1.151  1.00 0.00 ? 8  C A "C3'"  1 
ATOM 232 O "O3'"  . C A 1 8  ? -9.327  2.798  -0.414  1.00 0.00 ? 8  C A "O3'"  1 
ATOM 233 C "C2'"  . C A 1 8  ? -8.797  5.082  -0.166  1.00 0.00 ? 8  C A "C2'"  1 
ATOM 234 O "O2'"  . C A 1 8  ? -8.973  4.719  1.206   1.00 0.00 ? 8  C A "O2'"  1 
ATOM 235 C "C1'"  . C A 1 8  ? -7.432  5.709  -0.346  1.00 0.00 ? 8  C A "C1'"  1 
ATOM 236 N N1     . C A 1 8  ? -7.675  7.078  -0.765  1.00 0.00 ? 8  C A N1     1 
ATOM 237 C C2     . C A 1 8  ? -7.888  8.036  0.234   1.00 0.00 ? 8  C A C2     1 
ATOM 238 O O2     . C A 1 8  ? -7.804  7.752  1.430   1.00 0.00 ? 8  C A O2     1 
ATOM 239 N N3     . C A 1 8  ? -8.230  9.297  -0.170  1.00 0.00 ? 8  C A N3     1 
ATOM 240 C C4     . C A 1 8  ? -8.398  9.590  -1.477  1.00 0.00 ? 8  C A C4     1 
ATOM 241 N N4     . C A 1 8  ? -8.683  10.851 -1.809  1.00 0.00 ? 8  C A N4     1 
ATOM 242 C C5     . C A 1 8  ? -8.272  8.581  -2.506  1.00 0.00 ? 8  C A C5     1 
ATOM 243 C C6     . C A 1 8  ? -7.904  7.341  -2.102  1.00 0.00 ? 8  C A C6     1 
ATOM 244 H "H5'"  . C A 1 8  ? -8.005  2.894  -3.587  1.00 0.00 ? 8  C A "H5'"  1 
ATOM 245 H "H5''" . C A 1 8  ? -7.688  4.620  -3.716  1.00 0.00 ? 8  C A "H5''" 1 
ATOM 246 H "H4'"  . C A 1 8  ? -6.946  2.926  -1.267  1.00 0.00 ? 8  C A "H4'"  1 
ATOM 247 H "H3'"  . C A 1 8  ? -9.542  4.239  -1.953  1.00 0.00 ? 8  C A "H3'"  1 
ATOM 248 H "H2'"  . C A 1 8  ? -9.600  5.778  -0.455  1.00 0.00 ? 8  C A "H2'"  1 
ATOM 249 H "HO2'" . C A 1 8  ? -8.055  4.529  1.632   1.00 0.00 ? 8  C A "HO2'" 1 
ATOM 250 H "H1'"  . C A 1 8  ? -6.860  5.672  0.592   1.00 0.00 ? 8  C A "H1'"  1 
ATOM 251 H H41    . C A 1 8  ? -8.753  11.546 -1.082  1.00 0.00 ? 8  C A H41    1 
ATOM 252 H H42    . C A 1 8  ? -8.791  11.103 -2.780  1.00 0.00 ? 8  C A H42    1 
ATOM 253 H H5     . C A 1 8  ? -8.457  8.762  -3.556  1.00 0.00 ? 8  C A H5     1 
ATOM 254 H H6     . C A 1 8  ? -7.821  6.567  -2.846  1.00 0.00 ? 8  C A H6     1 
ATOM 255 P P      . U A 1 9  ? -10.123 1.720  -1.283  1.00 0.00 ? 9  U A P      1 
ATOM 256 O OP1    . U A 1 9  ? -10.945 2.410  -2.304  1.00 0.00 ? 9  U A OP1    1 
ATOM 257 O OP2    . U A 1 9  ? -10.766 0.786  -0.334  1.00 0.00 ? 9  U A OP2    1 
ATOM 258 O "O5'"  . U A 1 9  ? -8.937  0.951  -2.022  1.00 0.00 ? 9  U A "O5'"  1 
ATOM 259 C "C5'"  . U A 1 9  ? -9.210  0.177  -3.163  1.00 0.00 ? 9  U A "C5'"  1 
ATOM 260 C "C4'"  . U A 1 9  ? -8.021  -0.700 -3.491  1.00 0.00 ? 9  U A "C4'"  1 
ATOM 261 O "O4'"  . U A 1 9  ? -6.856  0.024  -3.854  1.00 0.00 ? 9  U A "O4'"  1 
ATOM 262 C "C3'"  . U A 1 9  ? -7.597  -1.541 -2.314  1.00 0.00 ? 9  U A "C3'"  1 
ATOM 263 O "O3'"  . U A 1 9  ? -8.614  -2.528 -2.089  1.00 0.00 ? 9  U A "O3'"  1 
ATOM 264 C "C2'"  . U A 1 9  ? -6.227  -2.023 -2.806  1.00 0.00 ? 9  U A "C2'"  1 
ATOM 265 O "O2'"  . U A 1 9  ? -6.343  -3.169 -3.648  1.00 0.00 ? 9  U A "O2'"  1 
ATOM 266 C "C1'"  . U A 1 9  ? -5.719  -0.817 -3.619  1.00 0.00 ? 9  U A "C1'"  1 
ATOM 267 N N1     . U A 1 9  ? -4.632  -0.151 -2.905  1.00 0.00 ? 9  U A N1     1 
ATOM 268 C C2     . U A 1 9  ? -3.344  -0.544 -2.976  1.00 0.00 ? 9  U A C2     1 
ATOM 269 O O2     . U A 1 9  ? -3.000  -1.572 -3.556  1.00 0.00 ? 9  U A O2     1 
ATOM 270 N N3     . U A 1 9  ? -2.363  0.253  -2.394  1.00 0.00 ? 9  U A N3     1 
ATOM 271 C C4     . U A 1 9  ? -2.582  1.437  -1.693  1.00 0.00 ? 9  U A C4     1 
ATOM 272 O O4     . U A 1 9  ? -1.631  2.107  -1.297  1.00 0.00 ? 9  U A O4     1 
ATOM 273 C C5     . U A 1 9  ? -3.984  1.748  -1.471  1.00 0.00 ? 9  U A C5     1 
ATOM 274 C C6     . U A 1 9  ? -4.961  0.987  -2.030  1.00 0.00 ? 9  U A C6     1 
ATOM 275 H "H5'"  . U A 1 9  ? -9.441  0.816  -4.013  1.00 0.00 ? 9  U A "H5'"  1 
ATOM 276 H "H5''" . U A 1 9  ? -10.055 -0.484 -2.958  1.00 0.00 ? 9  U A "H5''" 1 
ATOM 277 H "H4'"  . U A 1 9  ? -8.281  -1.358 -4.330  1.00 0.00 ? 9  U A "H4'"  1 
ATOM 278 H "H3'"  . U A 1 9  ? -7.459  -0.882 -1.442  1.00 0.00 ? 9  U A "H3'"  1 
ATOM 279 H "H2'"  . U A 1 9  ? -5.556  -2.232 -1.964  1.00 0.00 ? 9  U A "H2'"  1 
ATOM 280 H "HO2'" . U A 1 9  ? -6.512  -2.867 -4.618  1.00 0.00 ? 9  U A "HO2'" 1 
ATOM 281 H "H1'"  . U A 1 9  ? -5.376  -1.152 -4.608  1.00 0.00 ? 9  U A "H1'"  1 
ATOM 282 H H3     . U A 1 9  ? -1.408  -0.047 -2.511  1.00 0.00 ? 9  U A H3     1 
ATOM 283 H H5     . U A 1 9  ? -4.250  2.589  -0.845  1.00 0.00 ? 9  U A H5     1 
ATOM 284 H H6     . U A 1 9  ? -5.992  1.217  -1.817  1.00 0.00 ? 9  U A H6     1 
ATOM 285 P P      . C A 1 10 ? -8.600  -3.123 -0.590  1.00 0.00 ? 10 C A P      1 
ATOM 286 O OP1    . C A 1 10 ? -9.536  -4.270 -0.564  1.00 0.00 ? 10 C A OP1    1 
ATOM 287 O OP2    . C A 1 10 ? -8.776  -2.013 0.373   1.00 0.00 ? 10 C A OP2    1 
ATOM 288 O "O5'"  . C A 1 10 ? -7.096  -3.670 -0.463  1.00 0.00 ? 10 C A "O5'"  1 
ATOM 289 C "C5'"  . C A 1 10 ? -6.839  -5.048 -0.383  1.00 0.00 ? 10 C A "C5'"  1 
ATOM 290 C "C4'"  . C A 1 10 ? -5.367  -5.365 -0.620  1.00 0.00 ? 10 C A "C4'"  1 
ATOM 291 O "O4'"  . C A 1 10 ? -4.663  -4.382 -1.375  1.00 0.00 ? 10 C A "O4'"  1 
ATOM 292 C "C3'"  . C A 1 10 ? -4.608  -5.497 0.673   1.00 0.00 ? 10 C A "C3'"  1 
ATOM 293 O "O3'"  . C A 1 10 ? -5.032  -6.719 1.293   1.00 0.00 ? 10 C A "O3'"  1 
ATOM 294 C "C2'"  . C A 1 10 ? -3.171  -5.443 0.144   1.00 0.00 ? 10 C A "C2'"  1 
ATOM 295 O "O2'"  . C A 1 10 ? -2.765  -6.699 -0.398  1.00 0.00 ? 10 C A "O2'"  1 
ATOM 296 C "C1'"  . C A 1 10 ? -3.289  -4.396 -0.980  1.00 0.00 ? 10 C A "C1'"  1 
ATOM 297 N N1     . C A 1 10 ? -2.818  -3.100 -0.497  1.00 0.00 ? 10 C A N1     1 
ATOM 298 C C2     . C A 1 10 ? -1.528  -2.714 -0.599  1.00 0.00 ? 10 C A C2     1 
ATOM 299 O O2     . C A 1 10 ? -0.705  -3.418 -1.181  1.00 0.00 ? 10 C A O2     1 
ATOM 300 N N3     . C A 1 10 ? -1.119  -1.538 -0.039  1.00 0.00 ? 10 C A N3     1 
ATOM 301 C C4     . C A 1 10 ? -1.957  -0.719 0.623   1.00 0.00 ? 10 C A C4     1 
ATOM 302 N N4     . C A 1 10 ? -1.463  0.401  1.162   1.00 0.00 ? 10 C A N4     1 
ATOM 303 C C5     . C A 1 10 ? -3.356  -1.033 0.743   1.00 0.00 ? 10 C A C5     1 
ATOM 304 C C6     . C A 1 10 ? -3.770  -2.202 0.191   1.00 0.00 ? 10 C A C6     1 
ATOM 305 H "H5'"  . C A 1 10 ? -7.412  -5.613 -1.117  1.00 0.00 ? 10 C A "H5'"  1 
ATOM 306 H "H5''" . C A 1 10 ? -7.128  -5.369 0.620   1.00 0.00 ? 10 C A "H5''" 1 
ATOM 307 H "H4'"  . C A 1 10 ? -5.287  -6.308 -1.178  1.00 0.00 ? 10 C A "H4'"  1 
ATOM 308 H "H3'"  . C A 1 10 ? -4.831  -4.613 1.290   1.00 0.00 ? 10 C A "H3'"  1 
ATOM 309 H "H2'"  . C A 1 10 ? -2.466  -5.122 0.916   1.00 0.00 ? 10 C A "H2'"  1 
ATOM 310 H "HO2'" . C A 1 10 ? -2.671  -6.618 -1.420  1.00 0.00 ? 10 C A "HO2'" 1 
ATOM 311 H "H1'"  . C A 1 10 ? -2.702  -4.715 -1.854  1.00 0.00 ? 10 C A "H1'"  1 
ATOM 312 H H41    . C A 1 10 ? -0.478  0.602  1.069   1.00 0.00 ? 10 C A H41    1 
ATOM 313 H H42    . C A 1 10 ? -2.070  1.059  1.629   1.00 0.00 ? 10 C A H42    1 
ATOM 314 H H5     . C A 1 10 ? -4.067  -0.390 1.241   1.00 0.00 ? 10 C A H5     1 
ATOM 315 H H6     . C A 1 10 ? -4.813  -2.463 0.266   1.00 0.00 ? 10 C A H6     1 
ATOM 316 P P      . G A 1 11 ? -4.731  -6.782 2.878   1.00 0.00 ? 11 G A P      1 
ATOM 317 O OP1    . G A 1 11 ? -5.104  -8.142 3.332   1.00 0.00 ? 11 G A OP1    1 
ATOM 318 O OP2    . G A 1 11 ? -5.348  -5.604 3.528   1.00 0.00 ? 11 G A OP2    1 
ATOM 319 O "O5'"  . G A 1 11 ? -3.132  -6.644 2.971   1.00 0.00 ? 11 G A "O5'"  1 
ATOM 320 C "C5'"  . G A 1 11 ? -2.308  -7.767 2.750   1.00 0.00 ? 11 G A "C5'"  1 
ATOM 321 C "C4'"  . G A 1 11 ? -0.838  -7.406 2.833   1.00 0.00 ? 11 G A "C4'"  1 
ATOM 322 O "O4'"  . G A 1 11 ? -0.475  -6.360 1.941   1.00 0.00 ? 11 G A "O4'"  1 
ATOM 323 C "C3'"  . G A 1 11 ? -0.392  -6.951 4.212   1.00 0.00 ? 11 G A "C3'"  1 
ATOM 324 O "O3'"  . G A 1 11 ? -0.354  -8.094 5.081   1.00 0.00 ? 11 G A "O3'"  1 
ATOM 325 C "C2'"  . G A 1 11 ? 0.952   -6.317 3.841   1.00 0.00 ? 11 G A "C2'"  1 
ATOM 326 O "O2'"  . G A 1 11 ? 1.951   -7.308 3.600   1.00 0.00 ? 11 G A "O2'"  1 
ATOM 327 C "C1'"  . G A 1 11 ? 0.597   -5.614 2.520   1.00 0.00 ? 11 G A "C1'"  1 
ATOM 328 N N9     . G A 1 11 ? 0.204   -4.240 2.775   1.00 0.00 ? 11 G A N9     1 
ATOM 329 C C8     . G A 1 11 ? -1.058  -3.717 2.868   1.00 0.00 ? 11 G A C8     1 
ATOM 330 N N7     . G A 1 11 ? -1.031  -2.436 3.118   1.00 0.00 ? 11 G A N7     1 
ATOM 331 C C5     . G A 1 11 ? 0.329   -2.131 3.215   1.00 0.00 ? 11 G A C5     1 
ATOM 332 C C6     . G A 1 11 ? 0.976   -0.880 3.467   1.00 0.00 ? 11 G A C6     1 
ATOM 333 O O6     . G A 1 11 ? 0.446   0.215  3.606   1.00 0.00 ? 11 G A O6     1 
ATOM 334 N N1     . G A 1 11 ? 2.372   -1.007 3.562   1.00 0.00 ? 11 G A N1     1 
ATOM 335 C C2     . G A 1 11 ? 3.064   -2.207 3.418   1.00 0.00 ? 11 G A C2     1 
ATOM 336 N N2     . G A 1 11 ? 4.395   -2.187 3.542   1.00 0.00 ? 11 G A N2     1 
ATOM 337 N N3     . G A 1 11 ? 2.454   -3.377 3.156   1.00 0.00 ? 11 G A N3     1 
ATOM 338 C C4     . G A 1 11 ? 1.098   -3.260 3.059   1.00 0.00 ? 11 G A C4     1 
ATOM 339 H "H5'"  . G A 1 11 ? -2.499  -8.211 1.773   1.00 0.00 ? 11 G A "H5'"  1 
ATOM 340 H "H5''" . G A 1 11 ? -2.506  -8.507 3.528   1.00 0.00 ? 11 G A "H5''" 1 
ATOM 341 H "H4'"  . G A 1 11 ? -0.243  -8.284 2.545   1.00 0.00 ? 11 G A "H4'"  1 
ATOM 342 H "H3'"  . G A 1 11 ? -1.092  -6.179 4.570   1.00 0.00 ? 11 G A "H3'"  1 
ATOM 343 H "H2'"  . G A 1 11 ? 1.301   -5.606 4.600   1.00 0.00 ? 11 G A "H2'"  1 
ATOM 344 H "HO2'" . G A 1 11 ? 2.251   -7.262 2.616   1.00 0.00 ? 11 G A "HO2'" 1 
ATOM 345 H "H1'"  . G A 1 11 ? 1.452   -5.637 1.827   1.00 0.00 ? 11 G A "H1'"  1 
ATOM 346 H H8     . G A 1 11 ? -1.973  -4.272 2.755   1.00 0.00 ? 11 G A H8     1 
ATOM 347 H H1     . G A 1 11 ? 2.890   -0.168 3.764   1.00 0.00 ? 11 G A H1     1 
ATOM 348 H H21    . G A 1 11 ? 4.865   -1.313 3.716   1.00 0.00 ? 11 G A H21    1 
ATOM 349 H H22    . G A 1 11 ? 4.926   -3.042 3.461   1.00 0.00 ? 11 G A H22    1 
ATOM 350 P P      . C A 1 12 ? -0.329  -7.724 6.659   1.00 0.00 ? 12 C A P      1 
ATOM 351 O OP1    . C A 1 12 ? -0.159  -8.993 7.403   1.00 0.00 ? 12 C A OP1    1 
ATOM 352 O OP2    . C A 1 12 ? -1.492  -6.859 6.961   1.00 0.00 ? 12 C A OP2    1 
ATOM 353 O "O5'"  . C A 1 12 ? 1.009   -6.853 6.858   1.00 0.00 ? 12 C A "O5'"  1 
ATOM 354 C "C5'"  . C A 1 12 ? 2.282   -7.466 6.896   1.00 0.00 ? 12 C A "C5'"  1 
ATOM 355 C "C4'"  . C A 1 12 ? 3.374   -6.422 7.067   1.00 0.00 ? 12 C A "C4'"  1 
ATOM 356 O "O4'"  . C A 1 12 ? 3.340   -5.425 6.054   1.00 0.00 ? 12 C A "O4'"  1 
ATOM 357 C "C3'"  . C A 1 12 ? 3.299   -5.663 8.379   1.00 0.00 ? 12 C A "C3'"  1 
ATOM 358 O "O3'"  . C A 1 12 ? 3.719   -6.523 9.447   1.00 0.00 ? 12 C A "O3'"  1 
ATOM 359 C "C2'"  . C A 1 12 ? 4.223   -4.488 8.057   1.00 0.00 ? 12 C A "C2'"  1 
ATOM 360 O "O2'"  . C A 1 12 ? 5.599   -4.854 8.168   1.00 0.00 ? 12 C A "O2'"  1 
ATOM 361 C "C1'"  . C A 1 12 ? 3.860   -4.207 6.589   1.00 0.00 ? 12 C A "C1'"  1 
ATOM 362 N N1     . C A 1 12 ? 2.908   -3.101 6.537   1.00 0.00 ? 12 C A N1     1 
ATOM 363 C C2     . C A 1 12 ? 3.317   -1.818 6.589   1.00 0.00 ? 12 C A C2     1 
ATOM 364 O O2     . C A 1 12 ? 4.515   -1.556 6.608   1.00 0.00 ? 12 C A O2     1 
ATOM 365 N N3     . C A 1 12 ? 2.403   -0.804 6.614   1.00 0.00 ? 12 C A N3     1 
ATOM 366 C C4     . C A 1 12 ? 1.079   -1.025 6.581   1.00 0.00 ? 12 C A C4     1 
ATOM 367 N N4     . C A 1 12 ? 0.258   0.031  6.586   1.00 0.00 ? 12 C A N4     1 
ATOM 368 C C5     . C A 1 12 ? 0.553   -2.362 6.510   1.00 0.00 ? 12 C A C5     1 
ATOM 369 C C6     . C A 1 12 ? 1.458   -3.374 6.490   1.00 0.00 ? 12 C A C6     1 
ATOM 370 H "H5'"  . C A 1 12 ? 2.477   -8.027 5.983   1.00 0.00 ? 12 C A "H5'"  1 
ATOM 371 H "H5''" . C A 1 12 ? 2.336   -8.143 7.750   1.00 0.00 ? 12 C A "H5''" 1 
ATOM 372 H "H4'"  . C A 1 12 ? 4.355   -6.913 6.997   1.00 0.00 ? 12 C A "H4'"  1 
ATOM 373 H "H3'"  . C A 1 12 ? 2.264   -5.308 8.515   1.00 0.00 ? 12 C A "H3'"  1 
ATOM 374 H "H2'"  . C A 1 12 ? 4.018   -3.619 8.693   1.00 0.00 ? 12 C A "H2'"  1 
ATOM 375 H "HO2'" . C A 1 12 ? 6.065   -4.719 7.260   1.00 0.00 ? 12 C A "HO2'" 1 
ATOM 376 H "H1'"  . C A 1 12 ? 4.767   -3.959 6.016   1.00 0.00 ? 12 C A "H1'"  1 
ATOM 377 H H41    . C A 1 12 ? 0.650   0.959  6.612   1.00 0.00 ? 12 C A H41    1 
ATOM 378 H H42    . C A 1 12 ? -0.741  -0.094 6.502   1.00 0.00 ? 12 C A H42    1 
ATOM 379 H H5     . C A 1 12 ? -0.504  -2.583 6.465   1.00 0.00 ? 12 C A H5     1 
ATOM 380 H H6     . C A 1 12 ? 1.091   -4.384 6.438   1.00 0.00 ? 12 C A H6     1 
ATOM 381 P P      . A A 1 13 ? 3.271   -6.009 10.918  1.00 0.00 ? 13 A A P      1 
ATOM 382 O OP1    . A A 1 13 ? 3.914   -6.914 11.897  1.00 0.00 ? 13 A A OP1    1 
ATOM 383 O OP2    . A A 1 13 ? 1.798   -5.864 10.931  1.00 0.00 ? 13 A A OP2    1 
ATOM 384 O "O5'"  . A A 1 13 ? 3.924   -4.539 11.098  1.00 0.00 ? 13 A A "O5'"  1 
ATOM 385 C "C5'"  . A A 1 13 ? 5.236   -4.387 11.603  1.00 0.00 ? 13 A A "C5'"  1 
ATOM 386 C "C4'"  . A A 1 13 ? 5.668   -2.926 11.667  1.00 0.00 ? 13 A A "C4'"  1 
ATOM 387 O "O4'"  . A A 1 13 ? 5.437   -2.241 10.438  1.00 0.00 ? 13 A A "O4'"  1 
ATOM 388 C "C3'"  . A A 1 13 ? 4.976   -2.091 12.738  1.00 0.00 ? 13 A A "C3'"  1 
ATOM 389 O "O3'"  . A A 1 13 ? 5.529   -2.307 14.035  1.00 0.00 ? 13 A A "O3'"  1 
ATOM 390 C "C2'"  . A A 1 13 ? 5.209   -0.677 12.222  1.00 0.00 ? 13 A A "C2'"  1 
ATOM 391 O "O2'"  . A A 1 13 ? 6.504   -0.187 12.571  1.00 0.00 ? 13 A A "O2'"  1 
ATOM 392 C "C1'"  . A A 1 13 ? 5.111   -0.873 10.702  1.00 0.00 ? 13 A A "C1'"  1 
ATOM 393 N N9     . A A 1 13 ? 3.762   -0.539 10.277  1.00 0.00 ? 13 A A N9     1 
ATOM 394 C C8     . A A 1 13 ? 2.729   -1.394 9.998   1.00 0.00 ? 13 A A C8     1 
ATOM 395 N N7     . A A 1 13 ? 1.627   -0.745 9.735   1.00 0.00 ? 13 A A N7     1 
ATOM 396 C C5     . A A 1 13 ? 1.971   0.604  9.881   1.00 0.00 ? 13 A A C5     1 
ATOM 397 C C6     . A A 1 13 ? 1.245   1.817  9.764   1.00 0.00 ? 13 A A C6     1 
ATOM 398 N N6     . A A 1 13 ? -0.037  1.850  9.385   1.00 0.00 ? 13 A A N6     1 
ATOM 399 N N1     . A A 1 13 ? 1.875   2.989  10.046  1.00 0.00 ? 13 A A N1     1 
ATOM 400 C C2     . A A 1 13 ? 3.163   2.963  10.413  1.00 0.00 ? 13 A A C2     1 
ATOM 401 N N3     . A A 1 13 ? 3.958   1.897  10.540  1.00 0.00 ? 13 A A N3     1 
ATOM 402 C C4     . A A 1 13 ? 3.290   0.738  10.250  1.00 0.00 ? 13 A A C4     1 
ATOM 403 H "H5'"  . A A 1 13 ? 5.946   -4.926 10.975  1.00 0.00 ? 13 A A "H5'"  1 
ATOM 404 H "H5''" . A A 1 13 ? 5.275   -4.782 12.620  1.00 0.00 ? 13 A A "H5''" 1 
ATOM 405 H "H4'"  . A A 1 13 ? 6.753   -2.887 11.848  1.00 0.00 ? 13 A A "H4'"  1 
ATOM 406 H "H3'"  . A A 1 13 ? 3.897   -2.302 12.738  1.00 0.00 ? 13 A A "H3'"  1 
ATOM 407 H "HO3'" . A A 1 13 ? 6.557   -2.278 13.981  1.00 0.00 ? 13 A A "HO3'" 1 
ATOM 408 H "H2'"  . A A 1 13 ? 4.435   0.005  12.603  1.00 0.00 ? 13 A A "H2'"  1 
ATOM 409 H "HO2'" . A A 1 13 ? 6.992   0.131  11.721  1.00 0.00 ? 13 A A "HO2'" 1 
ATOM 410 H "H1'"  . A A 1 13 ? 5.838   -0.232 10.186  1.00 0.00 ? 13 A A "H1'"  1 
ATOM 411 H H8     . A A 1 13 ? 2.793   -2.470 9.995   1.00 0.00 ? 13 A A H8     1 
ATOM 412 H H61    . A A 1 13 ? -0.516  2.734  9.295   1.00 0.00 ? 13 A A H61    1 
ATOM 413 H H62    . A A 1 13 ? -0.516  0.985  9.174   1.00 0.00 ? 13 A A H62    1 
ATOM 414 H H2     . A A 1 13 ? 3.627   3.915  10.630  1.00 0.00 ? 13 A A H2     1 
# 
